data_7Y55
#
_entry.id   7Y55
#
_cell.length_a   166.402
_cell.length_b   55.509
_cell.length_c   119.754
_cell.angle_alpha   90.0
_cell.angle_beta   112.498
_cell.angle_gamma   90.0
#
_symmetry.space_group_name_H-M   'C 1 2 1'
#
loop_
_entity.id
_entity.type
_entity.pdbx_description
1 polymer PdGSTU1
2 non-polymer GLUTATHIONE
3 water water
#
_entity_poly.entity_id   1
_entity_poly.type   'polypeptide(L)'
_entity_poly.pdbx_seq_one_letter_code
;MHHHHHHGSMENQVKVLNLWASPFGLRVLVGLEEKGVKYEYQEENLASKSELLLKMNPIHKKIPVLIHNDKPVLESLIIV
EYIDEAWPNTNPFMPSSAYERARARFWADFVDKKLYDNGGALIMKCKGEAQEEAKRNMLEYLGLLEGALDELSGGIKPYF
GGEKFGYMDIAFIPFASWFQAWEVMGNWKIPLETQFPRLHEWVNACMERESVKKVLPHPEKVAEFAMQMRRRFVGSD
;
_entity_poly.pdbx_strand_id   A,B,C,D
#
# COMPACT_ATOMS: atom_id res chain seq x y z
N GLU A 11 4.72 -3.54 16.69
CA GLU A 11 5.32 -4.82 16.36
C GLU A 11 5.44 -4.97 14.85
N ASN A 12 6.16 -4.04 14.21
CA ASN A 12 6.61 -4.26 12.84
C ASN A 12 8.07 -3.81 12.73
N GLN A 13 8.75 -4.35 11.72
CA GLN A 13 10.21 -4.33 11.66
C GLN A 13 10.93 -3.08 11.18
N VAL A 14 10.19 -2.06 10.78
CA VAL A 14 10.82 -0.84 10.31
C VAL A 14 10.38 0.28 11.20
N LYS A 15 11.35 1.04 11.69
CA LYS A 15 11.02 2.17 12.56
C LYS A 15 11.68 3.41 11.98
N VAL A 16 10.97 4.53 12.03
CA VAL A 16 11.51 5.78 11.52
C VAL A 16 11.54 6.83 12.61
N LEU A 17 12.73 7.38 12.86
CA LEU A 17 12.87 8.47 13.80
C LEU A 17 12.93 9.76 13.02
N ASN A 18 12.01 10.68 13.32
CA ASN A 18 11.88 11.86 12.49
C ASN A 18 11.19 13.06 13.13
N LEU A 19 11.44 14.21 12.51
CA LEU A 19 10.68 15.43 12.76
C LEU A 19 9.71 15.65 11.59
N TRP A 20 8.43 15.82 11.90
CA TRP A 20 7.36 15.81 10.90
C TRP A 20 7.57 16.79 9.74
N ALA A 21 8.17 17.96 10.00
CA ALA A 21 8.31 19.01 8.99
C ALA A 21 9.60 18.92 8.17
N SER A 22 10.52 18.03 8.55
CA SER A 22 11.78 17.92 7.84
C SER A 22 11.60 17.31 6.44
N PRO A 23 12.02 18.01 5.37
CA PRO A 23 11.93 17.42 4.02
C PRO A 23 12.77 16.15 3.93
N PHE A 24 13.86 16.13 4.70
CA PHE A 24 14.83 15.04 4.65
C PHE A 24 14.28 13.71 5.14
N GLY A 25 13.44 13.73 6.17
CA GLY A 25 12.78 12.51 6.62
C GLY A 25 11.58 12.17 5.77
N LEU A 26 10.92 13.21 5.28
CA LEU A 26 9.80 13.02 4.36
C LEU A 26 10.21 12.26 3.11
N ARG A 27 11.44 12.50 2.64
CA ARG A 27 12.05 11.64 1.60
C ARG A 27 11.91 10.14 1.95
N VAL A 28 12.37 9.81 3.14
CA VAL A 28 12.38 8.45 3.65
C VAL A 28 10.96 7.87 3.71
N LEU A 29 10.04 8.63 4.27
CA LEU A 29 8.65 8.17 4.35
C LEU A 29 8.07 7.93 2.96
N VAL A 30 8.28 8.88 2.04
CA VAL A 30 7.79 8.73 0.68
C VAL A 30 8.33 7.44 0.04
N GLY A 31 9.65 7.25 0.13
CA GLY A 31 10.28 6.06 -0.40
C GLY A 31 9.73 4.77 0.19
N LEU A 32 9.54 4.74 1.52
CA LEU A 32 8.96 3.56 2.15
C LEU A 32 7.53 3.31 1.67
N GLU A 33 6.74 4.37 1.53
CA GLU A 33 5.36 4.21 1.04
C GLU A 33 5.35 3.66 -0.37
N GLU A 34 6.24 4.15 -1.23
CA GLU A 34 6.31 3.64 -2.60
C GLU A 34 6.59 2.13 -2.65
N LYS A 35 7.45 1.63 -1.76
CA LYS A 35 7.80 0.20 -1.73
C LYS A 35 6.77 -0.68 -1.04
N GLY A 36 5.77 -0.07 -0.44
CA GLY A 36 4.75 -0.81 0.29
C GLY A 36 5.25 -1.35 1.62
N VAL A 37 6.24 -0.69 2.21
CA VAL A 37 6.77 -1.13 3.51
C VAL A 37 5.93 -0.54 4.64
N LYS A 38 5.51 -1.35 5.61
CA LYS A 38 4.77 -0.85 6.78
C LYS A 38 5.82 -0.55 7.84
N TYR A 39 5.65 0.57 8.54
CA TYR A 39 6.66 1.03 9.49
C TYR A 39 6.06 1.74 10.69
N GLU A 40 6.82 1.72 11.78
CA GLU A 40 6.57 2.56 12.94
C GLU A 40 7.17 3.93 12.73
N TYR A 41 6.46 4.94 13.22
CA TYR A 41 6.92 6.31 13.18
C TYR A 41 7.08 6.84 14.59
N GLN A 42 8.23 7.44 14.83
CA GLN A 42 8.51 8.07 16.10
C GLN A 42 8.94 9.53 15.87
N GLU A 43 8.13 10.43 16.40
CA GLU A 43 8.42 11.85 16.37
C GLU A 43 9.48 12.17 17.42
N GLU A 44 10.52 12.88 16.99
CA GLU A 44 11.58 13.29 17.90
C GLU A 44 11.52 14.80 18.14
N ASN A 45 11.69 15.20 19.39
CA ASN A 45 11.93 16.60 19.74
C ASN A 45 13.43 16.82 19.80
N LEU A 46 13.93 17.72 18.95
CA LEU A 46 15.36 17.96 18.84
C LEU A 46 15.90 18.65 20.10
N ALA A 47 14.99 19.16 20.93
CA ALA A 47 15.36 19.77 22.22
C ALA A 47 15.48 18.72 23.33
N SER A 48 14.80 17.59 23.15
CA SER A 48 14.91 16.46 24.07
C SER A 48 14.95 15.17 23.25
N LYS A 49 16.15 14.81 22.79
CA LYS A 49 16.35 13.68 21.89
C LYS A 49 16.27 12.34 22.59
N SER A 50 15.54 11.40 21.98
CA SER A 50 15.48 10.04 22.48
C SER A 50 16.88 9.42 22.53
N GLU A 51 17.09 8.56 23.52
CA GLU A 51 18.33 7.80 23.67
C GLU A 51 18.56 6.90 22.48
N LEU A 52 17.47 6.45 21.89
CA LEU A 52 17.49 5.61 20.71
C LEU A 52 18.12 6.34 19.52
N LEU A 53 17.68 7.59 19.31
CA LEU A 53 18.25 8.44 18.28
C LEU A 53 19.75 8.62 18.54
N LEU A 54 20.10 8.72 19.82
CA LEU A 54 21.48 8.88 20.26
C LEU A 54 22.30 7.58 20.19
N LYS A 55 21.64 6.44 20.37
CA LYS A 55 22.28 5.12 20.21
C LYS A 55 22.53 4.84 18.74
N MET A 56 21.55 5.22 17.93
CA MET A 56 21.53 4.92 16.51
C MET A 56 22.27 5.93 15.63
N ASN A 57 22.26 7.20 16.04
CA ASN A 57 22.99 8.25 15.33
C ASN A 57 23.80 9.10 16.31
N PRO A 58 24.81 8.50 16.95
CA PRO A 58 25.65 9.15 17.97
C PRO A 58 26.60 10.22 17.44
N ILE A 59 26.94 10.15 16.16
CA ILE A 59 27.89 11.10 15.58
C ILE A 59 27.21 12.39 15.18
N HIS A 60 26.02 12.27 14.59
CA HIS A 60 25.29 13.43 14.07
C HIS A 60 24.11 13.78 14.95
N LYS A 61 23.50 12.78 15.57
CA LYS A 61 22.38 12.98 16.46
C LYS A 61 21.26 13.70 15.72
N LYS A 62 21.12 13.36 14.44
CA LYS A 62 20.12 13.99 13.58
C LYS A 62 19.06 13.02 13.10
N ILE A 63 17.90 13.57 12.78
CA ILE A 63 16.91 12.87 11.97
C ILE A 63 17.15 13.21 10.50
N PRO A 64 16.64 12.38 9.58
CA PRO A 64 15.93 11.14 9.91
C PRO A 64 16.84 9.99 10.30
N VAL A 65 16.28 9.02 10.99
CA VAL A 65 16.94 7.72 11.15
C VAL A 65 16.00 6.63 10.73
N LEU A 66 16.51 5.72 9.91
CA LEU A 66 15.74 4.54 9.52
C LEU A 66 16.30 3.28 10.14
N ILE A 67 15.49 2.63 10.98
CA ILE A 67 15.90 1.36 11.58
C ILE A 67 15.21 0.20 10.90
N HIS A 68 16.04 -0.64 10.28
CA HIS A 68 15.59 -1.86 9.62
C HIS A 68 16.21 -3.06 10.33
N ASN A 69 15.36 -3.80 11.05
CA ASN A 69 15.81 -4.95 11.84
C ASN A 69 17.09 -4.67 12.62
N ASP A 70 17.04 -3.67 13.50
CA ASP A 70 18.19 -3.28 14.33
C ASP A 70 19.37 -2.73 13.53
N LYS A 71 19.14 -2.42 12.26
CA LYS A 71 20.19 -1.77 11.48
C LYS A 71 19.83 -0.29 11.24
N PRO A 72 20.67 0.65 11.76
CA PRO A 72 20.38 2.07 11.57
C PRO A 72 20.94 2.63 10.27
N VAL A 73 20.06 3.22 9.46
CA VAL A 73 20.45 3.83 8.20
C VAL A 73 20.32 5.35 8.37
N LEU A 74 21.40 6.03 8.00
CA LEU A 74 21.62 7.44 8.28
C LEU A 74 21.87 8.23 7.00
N GLU A 75 21.50 9.53 7.02
CA GLU A 75 21.63 10.46 5.88
C GLU A 75 20.57 10.15 4.80
N SER A 76 19.67 11.10 4.57
CA SER A 76 18.40 10.85 3.87
C SER A 76 18.57 10.21 2.50
N LEU A 77 19.50 10.73 1.70
CA LEU A 77 19.74 10.23 0.36
C LEU A 77 20.27 8.79 0.36
N ILE A 78 21.17 8.53 1.30
CA ILE A 78 21.73 7.21 1.47
C ILE A 78 20.62 6.28 1.92
N ILE A 79 19.74 6.78 2.77
CA ILE A 79 18.57 6.02 3.23
C ILE A 79 17.65 5.70 2.07
N VAL A 80 17.46 6.67 1.18
CA VAL A 80 16.65 6.47 -0.03
C VAL A 80 17.25 5.37 -0.91
N GLU A 81 18.56 5.46 -1.14
CA GLU A 81 19.27 4.41 -1.87
C GLU A 81 19.19 3.05 -1.17
N TYR A 82 19.31 3.06 0.16
CA TYR A 82 19.21 1.84 0.95
C TYR A 82 17.86 1.20 0.72
N ILE A 83 16.83 2.01 0.86
CA ILE A 83 15.46 1.54 0.66
C ILE A 83 15.30 0.94 -0.71
N ASP A 84 15.85 1.59 -1.74
CA ASP A 84 15.77 1.00 -3.06
C ASP A 84 16.54 -0.33 -3.15
N GLU A 85 17.71 -0.39 -2.53
CA GLU A 85 18.56 -1.57 -2.62
C GLU A 85 18.11 -2.71 -1.72
N ALA A 86 17.33 -2.40 -0.69
CA ALA A 86 16.82 -3.42 0.24
C ALA A 86 15.44 -3.97 -0.16
N TRP A 87 14.66 -3.20 -0.91
CA TRP A 87 13.41 -3.70 -1.52
C TRP A 87 13.44 -3.45 -3.03
N PRO A 88 14.31 -4.19 -3.74
CA PRO A 88 14.66 -3.94 -5.14
C PRO A 88 13.70 -4.56 -6.16
N ASN A 89 12.90 -5.52 -5.73
CA ASN A 89 12.03 -6.30 -6.62
C ASN A 89 10.69 -5.60 -6.82
N THR A 90 10.61 -4.33 -6.46
CA THR A 90 9.32 -3.71 -6.18
C THR A 90 9.15 -2.39 -6.95
N ASN A 91 9.66 -1.28 -6.45
CA ASN A 91 9.58 0.01 -7.18
C ASN A 91 10.97 0.62 -7.38
N PRO A 92 11.67 0.24 -8.45
CA PRO A 92 13.02 0.79 -8.66
C PRO A 92 13.03 2.31 -8.70
N PHE A 93 13.81 2.92 -7.81
CA PHE A 93 13.96 4.38 -7.74
C PHE A 93 15.02 4.86 -8.73
N MET A 94 16.13 4.13 -8.77
CA MET A 94 17.29 4.55 -9.54
C MET A 94 17.12 4.15 -11.01
N PRO A 95 17.63 4.97 -11.93
CA PRO A 95 17.73 4.64 -13.36
C PRO A 95 18.61 3.44 -13.68
N SER A 96 18.54 3.03 -14.93
CA SER A 96 19.24 1.88 -15.46
C SER A 96 20.70 2.22 -15.75
N SER A 97 20.92 3.39 -16.34
CA SER A 97 22.27 3.79 -16.72
C SER A 97 23.03 4.39 -15.54
N ALA A 98 24.32 4.10 -15.50
CA ALA A 98 25.23 4.63 -14.49
C ALA A 98 25.29 6.16 -14.56
N TYR A 99 25.34 6.69 -15.77
CA TYR A 99 25.50 8.14 -15.94
C TYR A 99 24.27 8.88 -15.43
N GLU A 100 23.09 8.41 -15.77
CA GLU A 100 21.85 9.03 -15.30
C GLU A 100 21.74 8.91 -13.78
N ARG A 101 22.27 7.83 -13.21
CA ARG A 101 22.32 7.69 -11.75
C ARG A 101 23.27 8.71 -11.17
N ALA A 102 24.41 8.87 -11.85
CA ALA A 102 25.39 9.89 -11.47
C ALA A 102 24.78 11.29 -11.46
N ARG A 103 24.03 11.61 -12.51
CA ARG A 103 23.36 12.91 -12.65
C ARG A 103 22.22 13.10 -11.63
N ALA A 104 21.43 12.03 -11.42
CA ALA A 104 20.36 12.07 -10.41
C ALA A 104 20.92 12.34 -9.01
N ARG A 105 21.96 11.60 -8.65
CA ARG A 105 22.62 11.80 -7.37
C ARG A 105 23.15 13.21 -7.30
N PHE A 106 23.78 13.64 -8.38
CA PHE A 106 24.30 15.01 -8.47
C PHE A 106 23.22 16.05 -8.19
N TRP A 107 22.07 15.88 -8.83
CA TRP A 107 21.00 16.85 -8.68
C TRP A 107 20.40 16.80 -7.29
N ALA A 108 20.37 15.61 -6.70
CA ALA A 108 19.94 15.49 -5.31
C ALA A 108 20.88 16.25 -4.36
N ASP A 109 22.18 16.00 -4.53
CA ASP A 109 23.18 16.74 -3.77
C ASP A 109 22.93 18.23 -3.99
N PHE A 110 22.63 18.59 -5.24
CA PHE A 110 22.32 19.97 -5.60
C PHE A 110 21.09 20.50 -4.87
N VAL A 111 20.04 19.69 -4.75
CA VAL A 111 18.89 20.11 -3.96
C VAL A 111 19.32 20.45 -2.55
N ASP A 112 20.09 19.57 -1.92
CA ASP A 112 20.50 19.83 -0.52
C ASP A 112 21.46 21.03 -0.33
N LYS A 113 22.56 21.05 -1.07
CA LYS A 113 23.60 22.06 -0.89
C LYS A 113 23.29 23.46 -1.48
N LYS A 114 22.38 23.53 -2.45
CA LYS A 114 22.11 24.81 -3.13
C LYS A 114 20.75 25.38 -2.80
N LEU A 115 19.73 24.73 -3.33
CA LEU A 115 18.36 25.18 -3.16
C LEU A 115 18.05 25.34 -1.68
N TYR A 116 18.56 24.43 -0.86
CA TYR A 116 18.31 24.51 0.57
C TYR A 116 19.39 25.28 1.33
N ASP A 117 20.59 24.72 1.44
CA ASP A 117 21.64 25.33 2.27
C ASP A 117 21.95 26.76 1.84
N ASN A 118 21.99 26.99 0.52
CA ASN A 118 22.29 28.33 -0.02
C ASN A 118 21.06 29.00 -0.63
N GLY A 119 19.87 28.55 -0.23
CA GLY A 119 18.61 29.12 -0.69
C GLY A 119 17.59 29.26 0.42
N GLY A 120 16.80 28.19 0.66
CA GLY A 120 15.73 28.21 1.64
C GLY A 120 16.15 28.42 3.09
N ALA A 121 17.23 27.75 3.47
CA ALA A 121 17.79 27.90 4.82
C ALA A 121 18.09 29.37 5.08
N LEU A 122 18.65 30.04 4.08
CA LEU A 122 19.01 31.44 4.18
C LEU A 122 17.77 32.35 4.18
N ILE A 123 16.73 31.96 3.45
CA ILE A 123 15.48 32.69 3.52
C ILE A 123 14.95 32.61 4.94
N MET A 124 15.07 31.45 5.57
CA MET A 124 14.69 31.35 6.99
C MET A 124 15.60 32.18 7.90
N LYS A 125 16.92 32.05 7.73
CA LYS A 125 17.87 32.58 8.71
C LYS A 125 18.20 34.08 8.55
N CYS A 126 18.04 34.61 7.34
CA CYS A 126 18.63 35.92 7.02
C CYS A 126 17.64 37.07 6.81
N LYS A 127 18.20 38.28 6.74
CA LYS A 127 17.42 39.49 6.59
C LYS A 127 18.07 40.40 5.55
N GLY A 128 17.25 41.25 4.95
CA GLY A 128 17.72 42.24 3.99
C GLY A 128 18.33 41.75 2.69
N GLU A 129 19.47 42.36 2.35
CA GLU A 129 20.18 42.11 1.11
C GLU A 129 20.58 40.64 0.99
N ALA A 130 20.95 40.04 2.12
CA ALA A 130 21.28 38.63 2.22
C ALA A 130 20.10 37.74 1.77
N GLN A 131 18.93 38.03 2.32
CA GLN A 131 17.73 37.27 2.00
C GLN A 131 17.38 37.46 0.52
N GLU A 132 17.49 38.71 0.06
CA GLU A 132 17.24 39.04 -1.32
C GLU A 132 18.13 38.22 -2.24
N GLU A 133 19.42 38.14 -1.89
CA GLU A 133 20.33 37.37 -2.69
C GLU A 133 19.99 35.87 -2.62
N ALA A 134 19.57 35.40 -1.44
CA ALA A 134 19.11 34.02 -1.27
C ALA A 134 17.97 33.68 -2.20
N LYS A 135 17.02 34.59 -2.34
CA LYS A 135 15.90 34.37 -3.27
C LYS A 135 16.33 34.42 -4.74
N ARG A 136 17.21 35.36 -5.06
CA ARG A 136 17.82 35.39 -6.40
C ARG A 136 18.41 34.01 -6.71
N ASN A 137 19.20 33.51 -5.76
CA ASN A 137 19.79 32.18 -5.86
C ASN A 137 18.71 31.12 -6.05
N MET A 138 17.67 31.16 -5.21
CA MET A 138 16.61 30.16 -5.32
C MET A 138 16.04 30.11 -6.72
N LEU A 139 15.81 31.28 -7.31
CA LEU A 139 15.30 31.34 -8.68
C LEU A 139 16.30 30.72 -9.66
N GLU A 140 17.59 31.06 -9.51
CA GLU A 140 18.64 30.43 -10.33
C GLU A 140 18.66 28.89 -10.24
N TYR A 141 18.63 28.40 -9.01
CA TYR A 141 18.68 26.98 -8.72
C TYR A 141 17.43 26.28 -9.25
N LEU A 142 16.28 26.90 -9.05
CA LEU A 142 15.04 26.36 -9.58
C LEU A 142 15.08 26.36 -11.11
N GLY A 143 15.73 27.36 -11.70
CA GLY A 143 15.96 27.31 -13.13
C GLY A 143 16.73 26.06 -13.56
N LEU A 144 17.87 25.87 -12.90
CA LEU A 144 18.71 24.69 -13.15
C LEU A 144 17.95 23.37 -12.97
N LEU A 145 17.08 23.33 -11.96
CA LEU A 145 16.30 22.14 -11.68
C LEU A 145 15.15 21.91 -12.68
N GLU A 146 14.57 23.02 -13.16
CA GLU A 146 13.63 22.96 -14.28
C GLU A 146 14.35 22.29 -15.43
N GLY A 147 15.60 22.69 -15.67
CA GLY A 147 16.40 22.01 -16.66
C GLY A 147 16.68 20.55 -16.31
N ALA A 148 16.96 20.28 -15.03
CA ALA A 148 17.27 18.92 -14.58
C ALA A 148 16.16 17.94 -14.90
N LEU A 149 14.93 18.36 -14.66
CA LEU A 149 13.77 17.52 -14.95
C LEU A 149 13.73 17.08 -16.43
N ASP A 150 13.89 18.03 -17.35
CA ASP A 150 13.91 17.70 -18.77
C ASP A 150 15.13 16.88 -19.16
N GLU A 151 16.25 17.16 -18.51
CA GLU A 151 17.48 16.39 -18.76
C GLU A 151 17.24 14.91 -18.44
N LEU A 152 16.81 14.67 -17.21
CA LEU A 152 16.67 13.30 -16.70
C LEU A 152 15.44 12.56 -17.19
N SER A 153 14.40 13.31 -17.55
CA SER A 153 13.17 12.70 -18.07
C SER A 153 13.23 12.41 -19.57
N GLY A 154 14.15 13.07 -20.28
CA GLY A 154 14.21 12.96 -21.73
C GLY A 154 13.01 13.58 -22.44
N GLY A 155 12.49 14.66 -21.87
CA GLY A 155 11.32 15.33 -22.41
C GLY A 155 10.05 14.66 -21.93
N ILE A 156 10.15 13.38 -21.59
CA ILE A 156 9.02 12.58 -21.13
C ILE A 156 8.47 13.09 -19.83
N LYS A 157 7.16 12.96 -19.67
CA LYS A 157 6.48 13.50 -18.51
C LYS A 157 5.90 12.38 -17.66
N PRO A 158 5.55 12.69 -16.40
CA PRO A 158 5.69 14.00 -15.75
C PRO A 158 6.81 14.05 -14.71
N TYR A 159 7.57 12.98 -14.57
CA TYR A 159 8.58 12.85 -13.51
C TYR A 159 10.01 13.07 -13.96
N PHE A 160 10.90 13.15 -12.98
CA PHE A 160 12.33 13.17 -13.22
C PHE A 160 12.74 11.82 -13.82
N GLY A 161 11.94 10.79 -13.56
CA GLY A 161 12.09 9.49 -14.19
C GLY A 161 11.11 9.28 -15.34
N GLY A 162 10.67 10.36 -15.96
CA GLY A 162 9.72 10.26 -17.03
C GLY A 162 8.40 9.74 -16.50
N GLU A 163 8.12 8.48 -16.81
CA GLU A 163 6.91 7.83 -16.34
C GLU A 163 7.09 7.08 -15.01
N LYS A 164 8.33 6.97 -14.53
CA LYS A 164 8.60 6.29 -13.26
C LYS A 164 8.98 7.30 -12.19
N PHE A 165 8.45 7.06 -10.99
CA PHE A 165 8.63 7.94 -9.85
C PHE A 165 9.83 7.49 -9.02
N GLY A 166 10.91 8.28 -9.06
CA GLY A 166 12.20 7.83 -8.57
C GLY A 166 12.90 8.66 -7.51
N TYR A 167 14.18 8.34 -7.36
CA TYR A 167 15.09 8.88 -6.36
C TYR A 167 15.05 10.39 -6.23
N MET A 168 15.14 11.07 -7.35
CA MET A 168 15.20 12.53 -7.39
C MET A 168 13.85 13.18 -7.10
N ASP A 169 12.80 12.54 -7.61
CA ASP A 169 11.45 12.95 -7.32
C ASP A 169 11.26 12.91 -5.82
N ILE A 170 11.64 11.78 -5.24
CA ILE A 170 11.59 11.55 -3.80
C ILE A 170 12.46 12.55 -3.03
N ALA A 171 13.67 12.78 -3.55
CA ALA A 171 14.61 13.73 -2.94
C ALA A 171 14.09 15.16 -2.93
N PHE A 172 13.41 15.54 -4.00
CA PHE A 172 13.00 16.93 -4.20
C PHE A 172 11.59 17.25 -3.68
N ILE A 173 10.63 16.35 -3.85
CA ILE A 173 9.22 16.71 -3.65
C ILE A 173 8.83 17.16 -2.21
N PRO A 174 9.59 16.75 -1.15
CA PRO A 174 9.23 17.28 0.18
C PRO A 174 9.43 18.80 0.37
N PHE A 175 10.23 19.43 -0.49
CA PHE A 175 10.46 20.87 -0.41
C PHE A 175 9.27 21.64 -0.99
N ALA A 176 8.41 20.94 -1.71
CA ALA A 176 7.18 21.55 -2.22
C ALA A 176 6.27 21.96 -1.06
N SER A 177 6.38 21.26 0.06
CA SER A 177 5.66 21.61 1.29
C SER A 177 6.27 22.83 1.96
N TRP A 178 7.40 23.28 1.42
CA TRP A 178 8.16 24.39 2.00
C TRP A 178 8.15 25.66 1.14
N PHE A 179 7.60 25.57 -0.06
CA PHE A 179 7.51 26.72 -0.96
C PHE A 179 6.77 27.90 -0.33
N GLN A 180 5.57 27.61 0.14
CA GLN A 180 4.70 28.61 0.76
C GLN A 180 5.41 29.28 1.94
N ALA A 181 6.11 28.46 2.73
CA ALA A 181 6.88 28.96 3.86
C ALA A 181 7.98 29.94 3.43
N TRP A 182 8.71 29.59 2.39
CA TRP A 182 9.76 30.45 1.85
C TRP A 182 9.16 31.74 1.29
N GLU A 183 8.01 31.61 0.65
CA GLU A 183 7.30 32.77 0.13
C GLU A 183 6.97 33.72 1.28
N VAL A 184 6.42 33.17 2.36
CA VAL A 184 6.05 34.01 3.50
C VAL A 184 7.28 34.61 4.20
N MET A 185 8.28 33.80 4.49
CA MET A 185 9.44 34.30 5.22
C MET A 185 10.22 35.30 4.38
N GLY A 186 10.11 35.20 3.06
CA GLY A 186 10.72 36.18 2.19
C GLY A 186 9.75 37.22 1.65
N ASN A 187 8.47 37.12 2.02
CA ASN A 187 7.43 38.01 1.50
C ASN A 187 7.46 38.12 -0.03
N TRP A 188 7.36 36.99 -0.71
CA TRP A 188 7.42 36.97 -2.17
C TRP A 188 6.61 35.81 -2.72
N LYS A 189 6.65 35.64 -4.03
CA LYS A 189 6.01 34.51 -4.72
C LYS A 189 6.97 33.85 -5.68
N ILE A 190 7.00 32.53 -5.62
CA ILE A 190 7.77 31.74 -6.54
C ILE A 190 6.94 31.50 -7.81
N PRO A 191 7.41 32.04 -8.95
CA PRO A 191 6.65 32.00 -10.19
C PRO A 191 6.82 30.67 -10.92
N LEU A 192 6.36 29.61 -10.27
CA LEU A 192 6.44 28.26 -10.81
C LEU A 192 5.64 28.13 -12.09
N GLU A 193 4.39 28.56 -11.99
CA GLU A 193 3.43 28.42 -13.08
C GLU A 193 3.88 29.15 -14.35
N THR A 194 4.69 30.19 -14.19
CA THR A 194 5.08 31.05 -15.29
C THR A 194 6.51 30.76 -15.75
N GLN A 195 7.43 30.59 -14.81
CA GLN A 195 8.84 30.48 -15.18
C GLN A 195 9.39 29.06 -15.05
N PHE A 196 8.77 28.22 -14.21
CA PHE A 196 9.19 26.83 -14.08
C PHE A 196 7.97 25.89 -14.19
N PRO A 197 7.31 25.89 -15.36
CA PRO A 197 6.06 25.16 -15.56
C PRO A 197 6.21 23.63 -15.49
N ARG A 198 7.36 23.09 -15.90
CA ARG A 198 7.58 21.65 -15.74
C ARG A 198 7.52 21.25 -14.27
N LEU A 199 8.17 22.03 -13.42
CA LEU A 199 8.20 21.76 -11.98
C LEU A 199 6.80 21.85 -11.40
N HIS A 200 6.03 22.82 -11.88
CA HIS A 200 4.63 22.98 -11.51
C HIS A 200 3.84 21.68 -11.84
N GLU A 201 3.92 21.29 -13.11
CA GLU A 201 3.26 20.09 -13.59
C GLU A 201 3.70 18.86 -12.81
N TRP A 202 4.99 18.81 -12.52
CA TRP A 202 5.61 17.71 -11.79
C TRP A 202 5.09 17.61 -10.35
N VAL A 203 5.07 18.75 -9.65
CA VAL A 203 4.55 18.83 -8.28
C VAL A 203 3.12 18.31 -8.24
N ASN A 204 2.28 18.88 -9.12
CA ASN A 204 0.88 18.49 -9.18
C ASN A 204 0.71 17.00 -9.48
N ALA A 205 1.51 16.47 -10.41
CA ALA A 205 1.51 15.03 -10.68
C ALA A 205 1.88 14.21 -9.45
N CYS A 206 2.96 14.59 -8.78
CA CYS A 206 3.46 13.84 -7.61
C CYS A 206 2.43 13.83 -6.49
N MET A 207 1.74 14.97 -6.35
CA MET A 207 0.68 15.10 -5.36
C MET A 207 -0.53 14.19 -5.65
N GLU A 208 -0.60 13.60 -6.84
CA GLU A 208 -1.66 12.63 -7.11
C GLU A 208 -1.33 11.25 -6.52
N ARG A 209 -0.08 11.04 -6.12
CA ARG A 209 0.30 9.74 -5.56
C ARG A 209 -0.09 9.62 -4.11
N GLU A 210 -0.51 8.42 -3.70
CA GLU A 210 -0.94 8.20 -2.32
C GLU A 210 0.21 8.42 -1.35
N SER A 211 1.40 7.97 -1.71
CA SER A 211 2.58 8.14 -0.85
C SER A 211 2.71 9.60 -0.39
N VAL A 212 2.79 10.49 -1.37
CA VAL A 212 2.97 11.92 -1.15
C VAL A 212 1.78 12.50 -0.40
N LYS A 213 0.57 12.16 -0.83
CA LYS A 213 -0.65 12.58 -0.15
C LYS A 213 -0.70 12.11 1.30
N LYS A 214 -0.14 10.93 1.52
CA LYS A 214 -0.18 10.27 2.81
C LYS A 214 0.80 10.90 3.78
N VAL A 215 2.01 11.23 3.30
CA VAL A 215 3.04 11.75 4.21
C VAL A 215 3.32 13.27 4.18
N LEU A 216 3.02 13.96 3.08
CA LEU A 216 3.37 15.38 3.01
C LEU A 216 2.40 16.26 3.80
N PRO A 217 2.95 17.11 4.69
CA PRO A 217 2.11 17.97 5.54
C PRO A 217 1.54 19.17 4.79
N HIS A 218 0.51 19.78 5.38
CA HIS A 218 -0.06 21.00 4.82
C HIS A 218 1.01 22.11 4.85
N PRO A 219 1.22 22.81 3.71
CA PRO A 219 2.21 23.89 3.67
C PRO A 219 1.96 24.98 4.72
N GLU A 220 0.71 25.16 5.10
CA GLU A 220 0.34 26.18 6.08
C GLU A 220 1.01 25.95 7.44
N LYS A 221 0.91 24.74 7.95
CA LYS A 221 1.54 24.40 9.23
C LYS A 221 3.06 24.50 9.13
N VAL A 222 3.59 24.07 7.99
CA VAL A 222 5.02 24.20 7.70
C VAL A 222 5.41 25.66 7.74
N ALA A 223 4.55 26.51 7.19
CA ALA A 223 4.81 27.94 7.15
C ALA A 223 4.83 28.51 8.57
N GLU A 224 3.82 28.18 9.37
CA GLU A 224 3.80 28.63 10.77
C GLU A 224 5.07 28.22 11.52
N PHE A 225 5.38 26.94 11.40
CA PHE A 225 6.55 26.35 12.03
C PHE A 225 7.84 27.06 11.60
N ALA A 226 7.91 27.32 10.29
CA ALA A 226 9.07 27.96 9.70
C ALA A 226 9.20 29.39 10.24
N MET A 227 8.06 30.07 10.35
CA MET A 227 8.05 31.44 10.86
C MET A 227 8.49 31.50 12.31
N GLN A 228 7.96 30.60 13.13
CA GLN A 228 8.38 30.49 14.54
C GLN A 228 9.90 30.34 14.67
N MET A 229 10.47 29.40 13.92
CA MET A 229 11.91 29.24 14.01
C MET A 229 12.65 30.44 13.39
N ARG A 230 12.06 31.08 12.39
CA ARG A 230 12.67 32.31 11.86
C ARG A 230 12.71 33.37 12.94
N ARG A 231 11.64 33.48 13.70
CA ARG A 231 11.59 34.42 14.82
C ARG A 231 12.67 34.05 15.82
N ARG A 232 12.90 32.75 16.00
CA ARG A 232 14.04 32.37 16.84
C ARG A 232 15.37 32.81 16.20
N PHE A 233 15.43 32.89 14.87
CA PHE A 233 16.59 33.50 14.19
C PHE A 233 16.46 34.99 13.91
N VAL A 234 15.23 35.51 13.93
CA VAL A 234 14.94 36.87 13.45
C VAL A 234 15.75 37.21 12.20
N GLU B 11 -12.00 -2.26 6.05
CA GLU B 11 -12.55 -0.92 6.06
C GLU B 11 -11.84 -0.04 5.03
N ASN B 12 -11.91 -0.46 3.77
CA ASN B 12 -11.54 0.42 2.66
C ASN B 12 -12.63 0.32 1.59
N GLN B 13 -12.71 1.35 0.76
CA GLN B 13 -13.92 1.61 -0.03
C GLN B 13 -14.14 0.82 -1.31
N VAL B 14 -13.17 0.01 -1.72
CA VAL B 14 -13.35 -0.77 -2.95
C VAL B 14 -13.25 -2.23 -2.59
N LYS B 15 -14.22 -3.00 -3.06
CA LYS B 15 -14.29 -4.41 -2.76
C LYS B 15 -14.35 -5.19 -4.07
N VAL B 16 -13.64 -6.32 -4.12
CA VAL B 16 -13.64 -7.14 -5.32
C VAL B 16 -14.09 -8.57 -5.01
N LEU B 17 -15.12 -9.01 -5.74
CA LEU B 17 -15.59 -10.38 -5.65
C LEU B 17 -15.05 -11.17 -6.81
N ASN B 18 -14.30 -12.24 -6.52
CA ASN B 18 -13.61 -12.95 -7.59
C ASN B 18 -13.17 -14.38 -7.30
N LEU B 19 -12.83 -15.08 -8.38
CA LEU B 19 -12.15 -16.36 -8.32
C LEU B 19 -10.67 -16.19 -8.65
N TRP B 20 -9.80 -16.67 -7.76
CA TRP B 20 -8.35 -16.38 -7.82
C TRP B 20 -7.74 -16.68 -9.20
N ALA B 21 -8.25 -17.71 -9.86
CA ALA B 21 -7.71 -18.18 -11.13
C ALA B 21 -8.39 -17.57 -12.36
N SER B 22 -9.47 -16.82 -12.18
CA SER B 22 -10.21 -16.31 -13.33
C SER B 22 -9.42 -15.22 -14.06
N PRO B 23 -9.12 -15.42 -15.37
CA PRO B 23 -8.42 -14.39 -16.15
C PRO B 23 -9.18 -13.08 -16.19
N PHE B 24 -10.51 -13.15 -16.10
CA PHE B 24 -11.37 -11.97 -16.19
C PHE B 24 -11.34 -11.04 -14.97
N GLY B 25 -11.24 -11.58 -13.76
CA GLY B 25 -11.14 -10.75 -12.56
C GLY B 25 -9.72 -10.23 -12.33
N LEU B 26 -8.76 -11.05 -12.75
CA LEU B 26 -7.36 -10.67 -12.67
C LEU B 26 -7.10 -9.37 -13.42
N ARG B 27 -7.81 -9.17 -14.52
CA ARG B 27 -7.86 -7.88 -15.20
C ARG B 27 -8.15 -6.73 -14.25
N VAL B 28 -9.23 -6.91 -13.49
CA VAL B 28 -9.72 -5.89 -12.57
C VAL B 28 -8.62 -5.59 -11.58
N LEU B 29 -8.05 -6.65 -11.04
CA LEU B 29 -6.98 -6.51 -10.06
C LEU B 29 -5.77 -5.77 -10.63
N VAL B 30 -5.28 -6.22 -11.79
CA VAL B 30 -4.15 -5.58 -12.44
C VAL B 30 -4.43 -4.09 -12.66
N GLY B 31 -5.60 -3.81 -13.22
CA GLY B 31 -6.01 -2.44 -13.46
C GLY B 31 -6.03 -1.59 -12.21
N LEU B 32 -6.59 -2.11 -11.12
CA LEU B 32 -6.59 -1.39 -9.86
C LEU B 32 -5.18 -1.19 -9.32
N GLU B 33 -4.32 -2.20 -9.45
CA GLU B 33 -2.96 -2.06 -8.96
C GLU B 33 -2.23 -0.96 -9.72
N GLU B 34 -2.42 -0.88 -11.03
CA GLU B 34 -1.79 0.19 -11.82
C GLU B 34 -2.22 1.59 -11.36
N LYS B 35 -3.48 1.74 -10.95
CA LYS B 35 -4.00 3.03 -10.47
C LYS B 35 -3.61 3.36 -9.03
N GLY B 36 -2.99 2.41 -8.35
CA GLY B 36 -2.61 2.60 -6.96
C GLY B 36 -3.82 2.57 -6.04
N VAL B 37 -4.86 1.88 -6.47
CA VAL B 37 -6.09 1.77 -5.68
C VAL B 37 -5.98 0.61 -4.68
N LYS B 38 -6.34 0.86 -3.42
CA LYS B 38 -6.37 -0.17 -2.39
C LYS B 38 -7.76 -0.79 -2.34
N TYR B 39 -7.82 -2.11 -2.17
CA TYR B 39 -9.10 -2.83 -2.24
C TYR B 39 -9.16 -4.04 -1.32
N GLU B 40 -10.40 -4.39 -0.97
CA GLU B 40 -10.71 -5.67 -0.35
C GLU B 40 -10.91 -6.74 -1.41
N TYR B 41 -10.48 -7.95 -1.08
CA TYR B 41 -10.68 -9.09 -1.95
C TYR B 41 -11.52 -10.13 -1.24
N GLN B 42 -12.52 -10.61 -1.96
CA GLN B 42 -13.38 -11.68 -1.49
C GLN B 42 -13.37 -12.79 -2.54
N GLU B 43 -12.85 -13.93 -2.12
CA GLU B 43 -12.87 -15.12 -2.95
C GLU B 43 -14.28 -15.70 -2.87
N GLU B 44 -14.86 -15.97 -4.04
CA GLU B 44 -16.17 -16.58 -4.13
C GLU B 44 -16.03 -18.01 -4.62
N ASN B 45 -16.79 -18.91 -4.01
CA ASN B 45 -16.97 -20.27 -4.50
C ASN B 45 -18.19 -20.27 -5.42
N LEU B 46 -17.99 -20.62 -6.68
CA LEU B 46 -19.06 -20.52 -7.67
C LEU B 46 -20.15 -21.56 -7.36
N ALA B 47 -19.82 -22.54 -6.51
CA ALA B 47 -20.77 -23.55 -6.04
C ALA B 47 -21.52 -23.11 -4.79
N SER B 48 -20.96 -22.15 -4.07
CA SER B 48 -21.57 -21.58 -2.88
C SER B 48 -21.40 -20.07 -2.92
N LYS B 49 -22.29 -19.42 -3.66
CA LYS B 49 -22.20 -17.99 -3.92
C LYS B 49 -22.68 -17.11 -2.76
N SER B 50 -21.90 -16.09 -2.46
CA SER B 50 -22.31 -15.09 -1.48
C SER B 50 -23.58 -14.40 -1.95
N GLU B 51 -24.43 -14.03 -1.00
CA GLU B 51 -25.65 -13.26 -1.27
C GLU B 51 -25.33 -11.91 -1.88
N LEU B 52 -24.18 -11.37 -1.48
CA LEU B 52 -23.64 -10.13 -2.03
C LEU B 52 -23.37 -10.23 -3.52
N LEU B 53 -22.75 -11.33 -3.93
CA LEU B 53 -22.51 -11.60 -5.33
C LEU B 53 -23.86 -11.66 -6.05
N LEU B 54 -24.86 -12.23 -5.38
CA LEU B 54 -26.23 -12.33 -5.92
C LEU B 54 -26.99 -11.01 -5.88
N LYS B 55 -26.71 -10.17 -4.88
CA LYS B 55 -27.34 -8.87 -4.76
C LYS B 55 -26.74 -7.95 -5.81
N MET B 56 -25.45 -8.08 -6.02
CA MET B 56 -24.69 -7.21 -6.91
C MET B 56 -24.71 -7.62 -8.38
N ASN B 57 -24.78 -8.93 -8.64
CA ASN B 57 -24.88 -9.43 -10.00
C ASN B 57 -25.99 -10.49 -10.12
N PRO B 58 -27.25 -10.06 -9.97
CA PRO B 58 -28.43 -10.93 -9.99
C PRO B 58 -28.75 -11.53 -11.35
N ILE B 59 -28.33 -10.90 -12.44
CA ILE B 59 -28.67 -11.39 -13.77
C ILE B 59 -27.70 -12.48 -14.23
N HIS B 60 -26.42 -12.25 -13.95
CA HIS B 60 -25.34 -13.13 -14.40
C HIS B 60 -24.78 -13.98 -13.27
N LYS B 61 -24.75 -13.43 -12.06
CA LYS B 61 -24.28 -14.18 -10.90
C LYS B 61 -22.87 -14.67 -11.15
N LYS B 62 -22.10 -13.84 -11.85
CA LYS B 62 -20.72 -14.17 -12.21
C LYS B 62 -19.71 -13.23 -11.56
N ILE B 63 -18.50 -13.72 -11.42
CA ILE B 63 -17.33 -12.89 -11.14
C ILE B 63 -16.68 -12.46 -12.45
N PRO B 64 -15.87 -11.37 -12.43
CA PRO B 64 -15.59 -10.55 -11.25
C PRO B 64 -16.73 -9.60 -10.94
N VAL B 65 -16.79 -9.13 -9.70
CA VAL B 65 -17.62 -7.98 -9.37
C VAL B 65 -16.76 -6.95 -8.71
N LEU B 66 -16.91 -5.71 -9.18
CA LEU B 66 -16.24 -4.58 -8.53
C LEU B 66 -17.21 -3.66 -7.81
N ILE B 67 -17.06 -3.54 -6.49
CA ILE B 67 -17.88 -2.59 -5.73
C ILE B 67 -17.07 -1.36 -5.32
N HIS B 68 -17.55 -0.23 -5.83
CA HIS B 68 -16.98 1.09 -5.53
C HIS B 68 -18.03 1.95 -4.84
N ASN B 69 -17.83 2.24 -3.55
CA ASN B 69 -18.82 2.98 -2.72
C ASN B 69 -20.24 2.49 -3.00
N ASP B 70 -20.50 1.20 -2.76
CA ASP B 70 -21.83 0.63 -2.98
C ASP B 70 -22.27 0.62 -4.44
N LYS B 71 -21.35 0.87 -5.37
CA LYS B 71 -21.68 0.80 -6.79
C LYS B 71 -21.10 -0.46 -7.43
N PRO B 72 -21.96 -1.36 -7.94
CA PRO B 72 -21.47 -2.59 -8.57
C PRO B 72 -21.15 -2.41 -10.06
N VAL B 73 -19.90 -2.71 -10.39
CA VAL B 73 -19.40 -2.65 -11.75
C VAL B 73 -19.19 -4.08 -12.20
N LEU B 74 -19.78 -4.39 -13.36
CA LEU B 74 -19.92 -5.74 -13.89
C LEU B 74 -19.31 -5.90 -15.28
N GLU B 75 -18.86 -7.11 -15.60
CA GLU B 75 -18.25 -7.45 -16.89
C GLU B 75 -16.85 -6.86 -17.01
N SER B 76 -15.85 -7.75 -17.09
CA SER B 76 -14.45 -7.41 -16.83
C SER B 76 -13.95 -6.23 -17.65
N LEU B 77 -14.24 -6.21 -18.94
CA LEU B 77 -13.79 -5.12 -19.82
C LEU B 77 -14.39 -3.76 -19.46
N ILE B 78 -15.68 -3.79 -19.13
CA ILE B 78 -16.42 -2.63 -18.71
C ILE B 78 -15.86 -2.15 -17.37
N ILE B 79 -15.49 -3.10 -16.52
CA ILE B 79 -14.85 -2.79 -15.25
C ILE B 79 -13.51 -2.11 -15.49
N VAL B 80 -12.74 -2.62 -16.46
CA VAL B 80 -11.44 -2.03 -16.81
C VAL B 80 -11.62 -0.58 -17.26
N GLU B 81 -12.57 -0.35 -18.17
CA GLU B 81 -12.88 1.01 -18.60
C GLU B 81 -13.36 1.88 -17.43
N TYR B 82 -14.21 1.32 -16.57
CA TYR B 82 -14.70 2.06 -15.41
C TYR B 82 -13.55 2.50 -14.53
N ILE B 83 -12.64 1.57 -14.26
CA ILE B 83 -11.48 1.86 -13.45
C ILE B 83 -10.69 2.98 -14.06
N ASP B 84 -10.48 2.93 -15.37
CA ASP B 84 -9.78 4.05 -16.00
C ASP B 84 -10.57 5.36 -15.91
N GLU B 85 -11.90 5.31 -16.07
CA GLU B 85 -12.72 6.52 -16.07
C GLU B 85 -12.99 7.08 -14.68
N ALA B 86 -12.86 6.26 -13.65
CA ALA B 86 -13.11 6.69 -12.27
C ALA B 86 -11.86 7.18 -11.55
N TRP B 87 -10.68 6.72 -11.96
CA TRP B 87 -9.41 7.25 -11.46
C TRP B 87 -8.55 7.66 -12.66
N PRO B 88 -8.92 8.75 -13.32
CA PRO B 88 -8.38 9.11 -14.63
C PRO B 88 -7.01 9.80 -14.60
N ASN B 89 -6.60 10.29 -13.44
CA ASN B 89 -5.43 11.15 -13.33
C ASN B 89 -4.10 10.40 -13.18
N THR B 90 -4.14 9.09 -13.04
CA THR B 90 -2.98 8.33 -12.58
C THR B 90 -2.24 7.57 -13.69
N ASN B 91 -2.93 6.66 -14.37
CA ASN B 91 -2.35 5.89 -15.47
C ASN B 91 -3.41 5.57 -16.52
N PRO B 92 -3.64 6.50 -17.46
CA PRO B 92 -4.65 6.23 -18.49
C PRO B 92 -4.39 4.94 -19.27
N PHE B 93 -5.39 4.08 -19.27
CA PHE B 93 -5.36 2.79 -19.95
C PHE B 93 -5.65 2.97 -21.43
N MET B 94 -6.63 3.84 -21.70
CA MET B 94 -7.14 3.97 -23.06
C MET B 94 -6.20 4.88 -23.86
N PRO B 95 -6.04 4.58 -25.16
CA PRO B 95 -5.37 5.46 -26.11
C PRO B 95 -6.05 6.82 -26.28
N SER B 96 -5.37 7.71 -26.99
CA SER B 96 -5.82 9.07 -27.22
C SER B 96 -6.84 9.10 -28.35
N SER B 97 -6.54 8.37 -29.42
CA SER B 97 -7.40 8.36 -30.59
C SER B 97 -8.60 7.42 -30.46
N ALA B 98 -9.71 7.86 -31.05
CA ALA B 98 -10.94 7.08 -31.09
C ALA B 98 -10.73 5.76 -31.81
N TYR B 99 -9.98 5.81 -32.92
CA TYR B 99 -9.80 4.63 -33.75
C TYR B 99 -8.99 3.55 -33.04
N GLU B 100 -7.88 3.94 -32.42
CA GLU B 100 -7.06 2.99 -31.67
C GLU B 100 -7.86 2.44 -30.50
N ARG B 101 -8.77 3.25 -29.95
CA ARG B 101 -9.67 2.77 -28.90
C ARG B 101 -10.65 1.74 -29.44
N ALA B 102 -11.21 2.00 -30.62
CA ALA B 102 -12.09 1.05 -31.28
C ALA B 102 -11.36 -0.26 -31.53
N ARG B 103 -10.14 -0.17 -32.04
CA ARG B 103 -9.31 -1.35 -32.33
C ARG B 103 -8.90 -2.10 -31.06
N ALA B 104 -8.52 -1.36 -30.02
CA ALA B 104 -8.17 -1.95 -28.74
C ALA B 104 -9.34 -2.74 -28.16
N ARG B 105 -10.51 -2.10 -28.15
CA ARG B 105 -11.72 -2.76 -27.67
C ARG B 105 -12.01 -3.98 -28.49
N PHE B 106 -11.92 -3.82 -29.80
CA PHE B 106 -12.09 -4.93 -30.74
C PHE B 106 -11.19 -6.11 -30.40
N TRP B 107 -9.92 -5.82 -30.15
CA TRP B 107 -8.95 -6.87 -29.86
C TRP B 107 -9.20 -7.49 -28.50
N ALA B 108 -9.69 -6.71 -27.55
CA ALA B 108 -10.11 -7.29 -26.27
C ALA B 108 -11.28 -8.26 -26.45
N ASP B 109 -12.30 -7.81 -27.18
CA ASP B 109 -13.43 -8.67 -27.52
C ASP B 109 -12.88 -9.91 -28.22
N PHE B 110 -11.90 -9.70 -29.09
CA PHE B 110 -11.27 -10.80 -29.80
C PHE B 110 -10.61 -11.78 -28.85
N VAL B 111 -9.92 -11.25 -27.85
CA VAL B 111 -9.34 -12.11 -26.82
C VAL B 111 -10.40 -12.99 -26.18
N ASP B 112 -11.51 -12.39 -25.75
CA ASP B 112 -12.53 -13.19 -25.08
C ASP B 112 -13.24 -14.20 -26.02
N LYS B 113 -13.73 -13.75 -27.16
CA LYS B 113 -14.53 -14.60 -28.04
C LYS B 113 -13.75 -15.63 -28.85
N LYS B 114 -12.47 -15.39 -29.09
CA LYS B 114 -11.69 -16.28 -29.95
C LYS B 114 -10.66 -17.07 -29.18
N LEU B 115 -9.66 -16.35 -28.68
CA LEU B 115 -8.56 -16.97 -27.97
C LEU B 115 -9.08 -17.83 -26.82
N TYR B 116 -10.12 -17.36 -26.14
CA TYR B 116 -10.68 -18.11 -25.03
C TYR B 116 -11.86 -19.00 -25.42
N ASP B 117 -13.00 -18.41 -25.75
CA ASP B 117 -14.22 -19.19 -25.99
C ASP B 117 -14.05 -20.24 -27.08
N ASN B 118 -13.34 -19.87 -28.15
CA ASN B 118 -13.10 -20.76 -29.27
C ASN B 118 -11.64 -21.24 -29.34
N GLY B 119 -10.95 -21.18 -28.20
CA GLY B 119 -9.58 -21.64 -28.08
C GLY B 119 -9.31 -22.40 -26.80
N GLY B 120 -8.93 -21.69 -25.73
CA GLY B 120 -8.57 -22.30 -24.46
C GLY B 120 -9.68 -23.05 -23.77
N ALA B 121 -10.87 -22.47 -23.80
CA ALA B 121 -12.06 -23.10 -23.24
C ALA B 121 -12.28 -24.48 -23.86
N LEU B 122 -12.10 -24.55 -25.17
CA LEU B 122 -12.27 -25.79 -25.92
C LEU B 122 -11.15 -26.77 -25.63
N ILE B 123 -9.95 -26.25 -25.40
CA ILE B 123 -8.83 -27.09 -24.99
C ILE B 123 -9.17 -27.72 -23.66
N MET B 124 -9.80 -26.96 -22.77
CA MET B 124 -10.26 -27.55 -21.53
C MET B 124 -11.36 -28.57 -21.73
N LYS B 125 -12.37 -28.20 -22.50
CA LYS B 125 -13.62 -28.96 -22.50
C LYS B 125 -13.63 -30.17 -23.44
N CYS B 126 -12.82 -30.13 -24.49
CA CYS B 126 -12.97 -31.07 -25.61
C CYS B 126 -11.85 -32.12 -25.74
N LYS B 127 -12.10 -33.09 -26.61
CA LYS B 127 -11.20 -34.22 -26.79
C LYS B 127 -11.00 -34.47 -28.29
N GLY B 128 -9.86 -35.07 -28.62
CA GLY B 128 -9.54 -35.45 -29.98
C GLY B 128 -9.38 -34.36 -31.02
N GLU B 129 -9.99 -34.61 -32.18
CA GLU B 129 -9.92 -33.76 -33.35
C GLU B 129 -10.42 -32.34 -33.04
N ALA B 130 -11.45 -32.27 -32.20
CA ALA B 130 -12.00 -31.01 -31.71
C ALA B 130 -10.93 -30.19 -30.99
N GLN B 131 -10.22 -30.85 -30.08
CA GLN B 131 -9.16 -30.21 -29.33
C GLN B 131 -8.05 -29.78 -30.28
N GLU B 132 -7.71 -30.65 -31.22
CA GLU B 132 -6.70 -30.34 -32.22
C GLU B 132 -7.04 -29.08 -33.01
N GLU B 133 -8.29 -28.99 -33.45
CA GLU B 133 -8.69 -27.79 -34.18
C GLU B 133 -8.68 -26.57 -33.26
N ALA B 134 -9.08 -26.75 -32.01
CA ALA B 134 -9.03 -25.66 -31.02
C ALA B 134 -7.60 -25.13 -30.87
N LYS B 135 -6.62 -26.02 -30.86
CA LYS B 135 -5.23 -25.60 -30.79
C LYS B 135 -4.77 -24.90 -32.09
N ARG B 136 -5.17 -25.44 -33.23
CA ARG B 136 -4.90 -24.74 -34.49
C ARG B 136 -5.43 -23.30 -34.42
N ASN B 137 -6.69 -23.19 -33.99
CA ASN B 137 -7.32 -21.90 -33.78
C ASN B 137 -6.50 -21.04 -32.86
N MET B 138 -6.07 -21.60 -31.73
CA MET B 138 -5.26 -20.84 -30.79
C MET B 138 -4.03 -20.27 -31.50
N LEU B 139 -3.39 -21.08 -32.34
CA LEU B 139 -2.23 -20.60 -33.10
C LEU B 139 -2.58 -19.45 -34.06
N GLU B 140 -3.66 -19.63 -34.81
CA GLU B 140 -4.14 -18.57 -35.71
C GLU B 140 -4.43 -17.25 -34.96
N TYR B 141 -5.14 -17.37 -33.84
CA TYR B 141 -5.54 -16.22 -33.04
C TYR B 141 -4.31 -15.52 -32.45
N LEU B 142 -3.38 -16.32 -31.95
CA LEU B 142 -2.13 -15.77 -31.43
C LEU B 142 -1.35 -15.08 -32.55
N GLY B 143 -1.42 -15.61 -33.76
CA GLY B 143 -0.87 -14.91 -34.91
C GLY B 143 -1.49 -13.53 -35.11
N LEU B 144 -2.82 -13.50 -35.18
CA LEU B 144 -3.57 -12.24 -35.31
C LEU B 144 -3.23 -11.24 -34.22
N LEU B 145 -3.07 -11.74 -32.99
CA LEU B 145 -2.71 -10.89 -31.87
C LEU B 145 -1.26 -10.44 -31.89
N GLU B 146 -0.40 -11.31 -32.41
CA GLU B 146 0.98 -10.91 -32.69
C GLU B 146 0.95 -9.70 -33.61
N GLY B 147 0.14 -9.77 -34.67
CA GLY B 147 -0.03 -8.62 -35.54
C GLY B 147 -0.64 -7.42 -34.82
N ALA B 148 -1.64 -7.69 -33.98
CA ALA B 148 -2.32 -6.63 -33.22
C ALA B 148 -1.37 -5.82 -32.34
N LEU B 149 -0.43 -6.49 -31.68
CA LEU B 149 0.55 -5.76 -30.88
C LEU B 149 1.33 -4.78 -31.76
N ASP B 150 1.80 -5.23 -32.92
CA ASP B 150 2.53 -4.33 -33.82
C ASP B 150 1.60 -3.23 -34.37
N GLU B 151 0.33 -3.57 -34.59
CA GLU B 151 -0.66 -2.60 -35.06
C GLU B 151 -0.83 -1.46 -34.06
N LEU B 152 -1.20 -1.81 -32.83
CA LEU B 152 -1.53 -0.83 -31.80
C LEU B 152 -0.31 -0.19 -31.16
N SER B 153 0.82 -0.90 -31.20
CA SER B 153 2.06 -0.36 -30.63
C SER B 153 2.75 0.60 -31.61
N GLY B 154 2.45 0.47 -32.89
CA GLY B 154 3.12 1.25 -33.91
C GLY B 154 4.59 0.90 -34.04
N GLY B 155 4.92 -0.36 -33.85
CA GLY B 155 6.30 -0.83 -33.90
C GLY B 155 7.02 -0.62 -32.58
N ILE B 156 6.56 0.35 -31.80
CA ILE B 156 7.15 0.67 -30.50
C ILE B 156 6.98 -0.50 -29.53
N LYS B 157 7.98 -0.71 -28.70
CA LYS B 157 8.01 -1.85 -27.80
C LYS B 157 7.89 -1.48 -26.33
N PRO B 158 7.48 -2.43 -25.48
CA PRO B 158 7.04 -3.79 -25.82
C PRO B 158 5.53 -3.97 -25.62
N TYR B 159 4.80 -2.90 -25.32
CA TYR B 159 3.39 -3.03 -24.98
C TYR B 159 2.47 -2.77 -26.16
N PHE B 160 1.20 -3.09 -25.96
CA PHE B 160 0.15 -2.79 -26.93
C PHE B 160 -0.02 -1.28 -27.04
N GLY B 161 0.37 -0.57 -25.97
CA GLY B 161 0.43 0.87 -25.98
C GLY B 161 1.85 1.35 -26.17
N GLY B 162 2.66 0.53 -26.84
CA GLY B 162 4.04 0.88 -27.08
C GLY B 162 4.87 0.93 -25.81
N GLU B 163 5.18 2.15 -25.38
CA GLU B 163 5.95 2.39 -24.17
C GLU B 163 5.02 2.44 -22.94
N LYS B 164 3.72 2.47 -23.18
CA LYS B 164 2.71 2.55 -22.13
C LYS B 164 1.89 1.27 -21.97
N PHE B 165 1.62 0.93 -20.71
CA PHE B 165 0.90 -0.28 -20.31
C PHE B 165 -0.61 -0.01 -20.19
N GLY B 166 -1.40 -0.55 -21.11
CA GLY B 166 -2.79 -0.14 -21.25
C GLY B 166 -3.89 -1.20 -21.16
N TYR B 167 -5.08 -0.77 -21.58
CA TYR B 167 -6.33 -1.55 -21.53
C TYR B 167 -6.18 -2.97 -22.07
N MET B 168 -5.56 -3.07 -23.24
CA MET B 168 -5.40 -4.34 -23.93
C MET B 168 -4.35 -5.25 -23.28
N ASP B 169 -3.28 -4.63 -22.82
CA ASP B 169 -2.24 -5.34 -22.09
C ASP B 169 -2.90 -6.00 -20.89
N ILE B 170 -3.68 -5.19 -20.18
CA ILE B 170 -4.45 -5.62 -19.02
C ILE B 170 -5.47 -6.69 -19.35
N ALA B 171 -6.19 -6.51 -20.46
CA ALA B 171 -7.19 -7.47 -20.90
C ALA B 171 -6.59 -8.84 -21.26
N PHE B 172 -5.40 -8.82 -21.82
CA PHE B 172 -4.77 -10.03 -22.34
C PHE B 172 -3.81 -10.74 -21.36
N ILE B 173 -3.02 -9.99 -20.60
CA ILE B 173 -1.90 -10.59 -19.86
C ILE B 173 -2.29 -11.66 -18.79
N PRO B 174 -3.53 -11.63 -18.25
CA PRO B 174 -3.88 -12.72 -17.32
C PRO B 174 -3.93 -14.13 -17.95
N PHE B 175 -3.99 -14.20 -19.28
CA PHE B 175 -4.04 -15.47 -19.99
C PHE B 175 -2.66 -16.10 -20.07
N ALA B 176 -1.63 -15.31 -19.78
CA ALA B 176 -0.27 -15.82 -19.71
C ALA B 176 -0.14 -16.80 -18.55
N SER B 177 -0.97 -16.63 -17.54
CA SER B 177 -1.04 -17.57 -16.41
C SER B 177 -1.71 -18.87 -16.82
N TRP B 178 -2.30 -18.89 -18.02
CA TRP B 178 -3.06 -20.04 -18.51
C TRP B 178 -2.40 -20.78 -19.67
N PHE B 179 -1.30 -20.24 -20.20
CA PHE B 179 -0.59 -20.88 -21.30
C PHE B 179 -0.15 -22.29 -20.95
N GLN B 180 0.58 -22.39 -19.84
CA GLN B 180 1.11 -23.66 -19.37
C GLN B 180 -0.01 -24.67 -19.20
N ALA B 181 -1.13 -24.20 -18.63
CA ALA B 181 -2.30 -25.04 -18.42
C ALA B 181 -2.85 -25.58 -19.75
N TRP B 182 -2.94 -24.72 -20.76
CA TRP B 182 -3.40 -25.12 -22.09
C TRP B 182 -2.42 -26.11 -22.72
N GLU B 183 -1.13 -25.88 -22.49
CA GLU B 183 -0.09 -26.80 -22.97
C GLU B 183 -0.29 -28.18 -22.36
N VAL B 184 -0.48 -28.21 -21.04
CA VAL B 184 -0.66 -29.48 -20.32
C VAL B 184 -1.94 -30.18 -20.77
N MET B 185 -3.05 -29.45 -20.79
CA MET B 185 -4.33 -30.03 -21.16
C MET B 185 -4.42 -30.45 -22.62
N GLY B 186 -3.64 -29.82 -23.48
CA GLY B 186 -3.57 -30.23 -24.88
C GLY B 186 -2.34 -31.06 -25.19
N ASN B 187 -1.49 -31.33 -24.20
CA ASN B 187 -0.24 -32.05 -24.41
C ASN B 187 0.57 -31.47 -25.57
N TRP B 188 0.87 -30.18 -25.52
CA TRP B 188 1.60 -29.53 -26.58
C TRP B 188 2.40 -28.37 -26.04
N LYS B 189 3.04 -27.63 -26.94
CA LYS B 189 3.81 -26.45 -26.58
C LYS B 189 3.42 -25.29 -27.47
N ILE B 190 3.16 -24.16 -26.85
CA ILE B 190 2.87 -22.96 -27.60
C ILE B 190 4.20 -22.32 -27.98
N PRO B 191 4.49 -22.23 -29.29
CA PRO B 191 5.79 -21.77 -29.77
C PRO B 191 5.86 -20.24 -29.82
N LEU B 192 5.72 -19.66 -28.63
CA LEU B 192 5.77 -18.22 -28.43
C LEU B 192 7.13 -17.69 -28.84
N GLU B 193 8.14 -18.34 -28.28
CA GLU B 193 9.52 -17.91 -28.42
C GLU B 193 9.99 -17.89 -29.89
N THR B 194 9.37 -18.71 -30.74
CA THR B 194 9.79 -18.84 -32.14
C THR B 194 8.83 -18.17 -33.11
N GLN B 195 7.53 -18.37 -32.91
CA GLN B 195 6.55 -17.97 -33.91
C GLN B 195 5.82 -16.69 -33.52
N PHE B 196 5.75 -16.39 -32.22
CA PHE B 196 5.13 -15.16 -31.73
C PHE B 196 6.05 -14.40 -30.75
N PRO B 197 7.19 -13.90 -31.26
CA PRO B 197 8.26 -13.30 -30.45
C PRO B 197 7.86 -11.98 -29.74
N ARG B 198 7.00 -11.18 -30.37
CA ARG B 198 6.54 -9.95 -29.74
C ARG B 198 5.80 -10.24 -28.45
N LEU B 199 4.91 -11.22 -28.51
CA LEU B 199 4.09 -11.62 -27.38
C LEU B 199 4.94 -12.14 -26.25
N HIS B 200 5.98 -12.89 -26.62
CA HIS B 200 6.96 -13.38 -25.66
C HIS B 200 7.59 -12.22 -24.90
N GLU B 201 8.19 -11.31 -25.66
CA GLU B 201 8.83 -10.13 -25.07
C GLU B 201 7.83 -9.30 -24.27
N TRP B 202 6.60 -9.23 -24.79
CA TRP B 202 5.51 -8.48 -24.17
C TRP B 202 5.14 -9.06 -22.80
N VAL B 203 4.97 -10.38 -22.75
CA VAL B 203 4.70 -11.09 -21.51
C VAL B 203 5.82 -10.82 -20.51
N ASN B 204 7.06 -11.04 -20.95
CA ASN B 204 8.21 -10.82 -20.06
C ASN B 204 8.27 -9.39 -19.53
N ALA B 205 8.06 -8.42 -20.41
CA ALA B 205 8.01 -7.00 -20.01
C ALA B 205 6.93 -6.76 -18.98
N CYS B 206 5.73 -7.25 -19.27
CA CYS B 206 4.58 -7.05 -18.37
C CYS B 206 4.83 -7.70 -17.02
N MET B 207 5.49 -8.85 -17.06
CA MET B 207 5.79 -9.63 -15.86
C MET B 207 6.73 -8.86 -14.94
N GLU B 208 7.36 -7.81 -15.47
CA GLU B 208 8.26 -6.97 -14.66
C GLU B 208 7.50 -5.93 -13.85
N ARG B 209 6.23 -5.71 -14.15
CA ARG B 209 5.44 -4.73 -13.42
C ARG B 209 4.91 -5.29 -12.12
N GLU B 210 4.82 -4.44 -11.10
CA GLU B 210 4.31 -4.88 -9.80
C GLU B 210 2.91 -5.38 -9.86
N SER B 211 2.08 -4.66 -10.59
CA SER B 211 0.67 -5.00 -10.70
C SER B 211 0.55 -6.50 -10.97
N VAL B 212 1.20 -6.90 -12.06
CA VAL B 212 1.17 -8.28 -12.53
C VAL B 212 1.83 -9.27 -11.55
N LYS B 213 3.04 -8.93 -11.09
CA LYS B 213 3.79 -9.75 -10.15
C LYS B 213 3.02 -9.97 -8.87
N LYS B 214 2.28 -8.94 -8.51
CA LYS B 214 1.54 -8.87 -7.27
C LYS B 214 0.29 -9.72 -7.35
N VAL B 215 -0.42 -9.64 -8.49
CA VAL B 215 -1.71 -10.35 -8.61
C VAL B 215 -1.75 -11.65 -9.44
N LEU B 216 -0.85 -11.83 -10.40
CA LEU B 216 -0.92 -13.01 -11.28
C LEU B 216 -0.40 -14.29 -10.60
N PRO B 217 -1.19 -15.37 -10.62
CA PRO B 217 -0.83 -16.61 -9.95
C PRO B 217 0.22 -17.42 -10.70
N HIS B 218 0.85 -18.35 -9.99
CA HIS B 218 1.80 -19.27 -10.60
C HIS B 218 1.09 -20.19 -11.60
N PRO B 219 1.64 -20.32 -12.82
CA PRO B 219 1.00 -21.17 -13.83
C PRO B 219 0.77 -22.63 -13.41
N GLU B 220 1.59 -23.19 -12.53
CA GLU B 220 1.43 -24.58 -12.13
C GLU B 220 0.12 -24.82 -11.39
N LYS B 221 -0.20 -24.00 -10.39
CA LYS B 221 -1.47 -24.16 -9.70
C LYS B 221 -2.63 -23.91 -10.65
N VAL B 222 -2.48 -22.96 -11.55
CA VAL B 222 -3.48 -22.71 -12.59
C VAL B 222 -3.66 -23.99 -13.40
N ALA B 223 -2.55 -24.63 -13.72
CA ALA B 223 -2.57 -25.86 -14.52
C ALA B 223 -3.30 -26.99 -13.78
N GLU B 224 -2.92 -27.14 -12.52
CA GLU B 224 -3.52 -28.11 -11.60
C GLU B 224 -5.04 -27.90 -11.54
N PHE B 225 -5.43 -26.66 -11.31
CA PHE B 225 -6.82 -26.25 -11.26
C PHE B 225 -7.57 -26.54 -12.57
N ALA B 226 -6.92 -26.22 -13.68
CA ALA B 226 -7.51 -26.40 -15.00
C ALA B 226 -7.73 -27.88 -15.29
N MET B 227 -6.73 -28.68 -14.93
CA MET B 227 -6.80 -30.13 -15.10
C MET B 227 -7.88 -30.72 -14.21
N GLN B 228 -7.94 -30.29 -12.95
CA GLN B 228 -9.00 -30.74 -12.05
C GLN B 228 -10.40 -30.48 -12.63
N MET B 229 -10.67 -29.24 -13.04
CA MET B 229 -11.97 -28.94 -13.63
C MET B 229 -12.15 -29.53 -15.04
N ARG B 230 -11.06 -29.83 -15.73
CA ARG B 230 -11.17 -30.53 -17.02
C ARG B 230 -11.87 -31.88 -16.82
N ARG B 231 -11.73 -32.51 -15.65
CA ARG B 231 -12.38 -33.80 -15.34
C ARG B 231 -13.91 -33.80 -15.41
N ARG B 232 -14.52 -32.69 -15.04
CA ARG B 232 -15.97 -32.59 -15.05
C ARG B 232 -16.40 -32.76 -16.50
N PHE B 233 -15.46 -32.41 -17.37
CA PHE B 233 -15.59 -32.65 -18.79
C PHE B 233 -14.74 -33.91 -18.99
N VAL B 234 -14.85 -34.63 -20.09
CA VAL B 234 -14.09 -35.88 -20.25
C VAL B 234 -14.04 -36.77 -19.01
N ASN C 12 29.19 -12.48 -5.76
CA ASN C 12 29.21 -12.12 -4.36
C ASN C 12 30.05 -13.07 -3.50
N GLN C 13 30.40 -12.60 -2.31
CA GLN C 13 31.44 -13.22 -1.49
C GLN C 13 30.86 -14.45 -0.80
N VAL C 14 29.54 -14.58 -0.86
CA VAL C 14 28.84 -15.58 -0.08
C VAL C 14 27.92 -16.50 -0.84
N LYS C 15 28.14 -17.80 -0.64
CA LYS C 15 27.38 -18.85 -1.29
C LYS C 15 26.86 -19.91 -0.31
N VAL C 16 25.65 -20.39 -0.54
CA VAL C 16 25.05 -21.42 0.29
C VAL C 16 24.66 -22.63 -0.53
N LEU C 17 25.20 -23.78 -0.15
CA LEU C 17 24.80 -25.06 -0.74
C LEU C 17 23.85 -25.77 0.20
N ASN C 18 22.67 -26.12 -0.31
CA ASN C 18 21.64 -26.66 0.57
C ASN C 18 20.58 -27.51 -0.12
N LEU C 19 19.84 -28.26 0.70
CA LEU C 19 18.62 -28.93 0.30
C LEU C 19 17.44 -28.11 0.83
N TRP C 20 16.53 -27.74 -0.07
CA TRP C 20 15.49 -26.76 0.23
C TRP C 20 14.67 -27.10 1.47
N ALA C 21 14.44 -28.39 1.72
CA ALA C 21 13.60 -28.82 2.83
C ALA C 21 14.40 -29.04 4.11
N SER C 22 15.72 -28.94 4.02
CA SER C 22 16.56 -29.19 5.19
C SER C 22 16.45 -28.07 6.23
N PRO C 23 15.97 -28.38 7.45
CA PRO C 23 15.93 -27.37 8.51
C PRO C 23 17.32 -26.85 8.88
N PHE C 24 18.31 -27.73 8.72
CA PHE C 24 19.68 -27.43 9.13
C PHE C 24 20.33 -26.34 8.28
N GLY C 25 20.03 -26.30 6.99
CA GLY C 25 20.47 -25.20 6.13
C GLY C 25 19.58 -23.97 6.18
N LEU C 26 18.29 -24.20 6.42
CA LEU C 26 17.34 -23.10 6.62
C LEU C 26 17.75 -22.25 7.80
N ARG C 27 18.33 -22.89 8.82
CA ARG C 27 19.01 -22.12 9.86
C ARG C 27 19.93 -21.08 9.23
N VAL C 28 20.79 -21.55 8.35
CA VAL C 28 21.81 -20.73 7.71
C VAL C 28 21.16 -19.60 6.91
N LEU C 29 20.16 -19.92 6.09
CA LEU C 29 19.51 -18.85 5.34
C LEU C 29 18.84 -17.81 6.23
N VAL C 30 18.05 -18.27 7.21
CA VAL C 30 17.40 -17.37 8.16
C VAL C 30 18.44 -16.46 8.79
N GLY C 31 19.51 -17.08 9.26
CA GLY C 31 20.62 -16.36 9.84
C GLY C 31 21.21 -15.33 8.90
N LEU C 32 21.39 -15.68 7.63
CA LEU C 32 21.93 -14.72 6.68
C LEU C 32 21.00 -13.54 6.49
N GLU C 33 19.70 -13.83 6.36
CA GLU C 33 18.73 -12.77 6.14
C GLU C 33 18.66 -11.82 7.33
N GLU C 34 18.69 -12.38 8.54
CA GLU C 34 18.65 -11.55 9.73
C GLU C 34 19.80 -10.55 9.77
N LYS C 35 20.97 -10.96 9.29
CA LYS C 35 22.14 -10.07 9.22
C LYS C 35 22.11 -9.15 8.00
N GLY C 36 21.14 -9.34 7.11
CA GLY C 36 21.05 -8.55 5.89
C GLY C 36 22.08 -8.89 4.84
N VAL C 37 22.57 -10.13 4.84
CA VAL C 37 23.57 -10.57 3.86
C VAL C 37 22.91 -11.04 2.56
N LYS C 38 23.43 -10.61 1.42
CA LYS C 38 22.95 -11.09 0.13
C LYS C 38 23.84 -12.28 -0.24
N TYR C 39 23.24 -13.34 -0.77
CA TYR C 39 23.97 -14.58 -0.97
C TYR C 39 23.52 -15.35 -2.20
N GLU C 40 24.42 -16.18 -2.71
CA GLU C 40 24.09 -17.18 -3.71
C GLU C 40 23.57 -18.43 -3.05
N TYR C 41 22.60 -19.05 -3.69
CA TYR C 41 22.04 -20.31 -3.23
C TYR C 41 22.16 -21.37 -4.32
N GLN C 42 22.64 -22.54 -3.96
CA GLN C 42 22.72 -23.68 -4.88
C GLN C 42 22.03 -24.89 -4.25
N GLU C 43 21.00 -25.35 -4.94
CA GLU C 43 20.29 -26.55 -4.54
C GLU C 43 21.09 -27.79 -4.92
N GLU C 44 21.27 -28.70 -3.98
CA GLU C 44 21.99 -29.94 -4.23
C GLU C 44 21.05 -31.13 -4.24
N ASN C 45 21.31 -32.03 -5.19
CA ASN C 45 20.69 -33.35 -5.20
C ASN C 45 21.65 -34.28 -4.45
N LEU C 46 21.21 -34.80 -3.32
CA LEU C 46 22.05 -35.61 -2.46
C LEU C 46 22.30 -36.98 -3.07
N ALA C 47 21.52 -37.31 -4.11
CA ALA C 47 21.71 -38.53 -4.87
C ALA C 47 22.77 -38.32 -5.94
N SER C 48 22.98 -37.06 -6.33
CA SER C 48 24.02 -36.70 -7.26
C SER C 48 24.66 -35.39 -6.81
N LYS C 49 25.59 -35.52 -5.87
CA LYS C 49 26.22 -34.38 -5.22
C LYS C 49 27.25 -33.67 -6.08
N SER C 50 27.24 -32.34 -6.03
CA SER C 50 28.24 -31.53 -6.70
C SER C 50 29.64 -31.88 -6.22
N GLU C 51 30.60 -31.81 -7.12
CA GLU C 51 31.99 -31.99 -6.79
C GLU C 51 32.35 -30.87 -5.82
N LEU C 52 31.66 -29.75 -5.97
CA LEU C 52 31.81 -28.57 -5.13
C LEU C 52 31.57 -28.87 -3.66
N LEU C 53 30.44 -29.54 -3.39
CA LEU C 53 30.07 -30.02 -2.06
C LEU C 53 31.07 -31.03 -1.49
N LEU C 54 31.57 -31.89 -2.36
CA LEU C 54 32.52 -32.94 -1.98
C LEU C 54 33.89 -32.34 -1.73
N LYS C 55 34.20 -31.28 -2.46
CA LYS C 55 35.43 -30.51 -2.30
C LYS C 55 35.36 -29.68 -1.02
N MET C 56 34.16 -29.15 -0.74
CA MET C 56 33.98 -28.32 0.45
C MET C 56 33.67 -29.10 1.73
N ASN C 57 32.95 -30.22 1.61
CA ASN C 57 32.65 -31.06 2.76
C ASN C 57 32.95 -32.53 2.46
N PRO C 58 34.22 -32.85 2.26
CA PRO C 58 34.71 -34.20 1.90
C PRO C 58 34.57 -35.20 3.05
N ILE C 59 34.50 -34.70 4.28
CA ILE C 59 34.45 -35.55 5.46
C ILE C 59 33.03 -36.03 5.75
N HIS C 60 32.05 -35.15 5.62
CA HIS C 60 30.66 -35.49 5.90
C HIS C 60 29.85 -35.58 4.62
N LYS C 61 30.24 -34.81 3.61
CA LYS C 61 29.54 -34.82 2.32
C LYS C 61 28.09 -34.47 2.56
N LYS C 62 27.90 -33.54 3.50
CA LYS C 62 26.58 -33.10 3.92
C LYS C 62 26.33 -31.62 3.60
N ILE C 63 25.05 -31.29 3.40
CA ILE C 63 24.61 -29.89 3.45
C ILE C 63 24.10 -29.64 4.87
N PRO C 64 24.02 -28.37 5.29
CA PRO C 64 24.38 -27.17 4.54
C PRO C 64 25.88 -26.90 4.46
N VAL C 65 26.27 -26.15 3.43
CA VAL C 65 27.61 -25.57 3.40
C VAL C 65 27.54 -24.08 3.15
N LEU C 66 28.27 -23.31 3.95
CA LEU C 66 28.38 -21.87 3.74
C LEU C 66 29.75 -21.53 3.23
N ILE C 67 29.82 -20.97 2.03
CA ILE C 67 31.10 -20.56 1.48
C ILE C 67 31.22 -19.06 1.58
N HIS C 68 32.20 -18.64 2.36
CA HIS C 68 32.51 -17.24 2.54
C HIS C 68 33.93 -16.99 2.03
N ASN C 69 34.03 -16.20 0.97
CA ASN C 69 35.29 -15.97 0.25
C ASN C 69 35.99 -17.29 -0.05
N ASP C 70 35.21 -18.18 -0.66
CA ASP C 70 35.66 -19.49 -1.10
C ASP C 70 36.22 -20.33 0.07
N LYS C 71 35.99 -19.90 1.32
CA LYS C 71 36.33 -20.73 2.47
C LYS C 71 35.02 -21.30 3.06
N PRO C 72 34.95 -22.63 3.23
CA PRO C 72 33.75 -23.35 3.68
C PRO C 72 33.54 -23.42 5.20
N VAL C 73 32.33 -23.09 5.64
CA VAL C 73 31.92 -23.26 7.03
C VAL C 73 30.90 -24.39 7.06
N LEU C 74 31.15 -25.32 7.98
CA LEU C 74 30.45 -26.60 8.06
C LEU C 74 29.77 -26.84 9.41
N GLU C 75 28.65 -27.56 9.36
CA GLU C 75 27.81 -27.88 10.51
C GLU C 75 27.02 -26.65 10.98
N SER C 76 25.71 -26.74 10.83
CA SER C 76 24.81 -25.60 10.85
C SER C 76 24.91 -24.72 12.11
N LEU C 77 24.93 -25.29 13.30
CA LEU C 77 24.99 -24.46 14.51
C LEU C 77 26.28 -23.65 14.55
N ILE C 78 27.37 -24.28 14.14
CA ILE C 78 28.67 -23.61 14.04
C ILE C 78 28.64 -22.51 12.98
N ILE C 79 27.92 -22.76 11.89
CA ILE C 79 27.76 -21.78 10.84
C ILE C 79 26.99 -20.58 11.36
N VAL C 80 25.96 -20.86 12.16
CA VAL C 80 25.17 -19.80 12.78
C VAL C 80 26.04 -18.95 13.70
N GLU C 81 26.81 -19.61 14.56
CA GLU C 81 27.76 -18.87 15.37
C GLU C 81 28.75 -18.09 14.50
N TYR C 82 29.20 -18.71 13.41
CA TYR C 82 30.13 -18.07 12.48
C TYR C 82 29.53 -16.77 11.89
N ILE C 83 28.28 -16.86 11.44
CA ILE C 83 27.54 -15.73 10.92
C ILE C 83 27.40 -14.61 11.93
N ASP C 84 27.05 -14.98 13.16
CA ASP C 84 26.94 -14.00 14.22
C ASP C 84 28.29 -13.32 14.46
N GLU C 85 29.36 -14.11 14.42
CA GLU C 85 30.70 -13.58 14.65
C GLU C 85 31.32 -12.91 13.41
N ALA C 86 30.82 -13.24 12.22
CA ALA C 86 31.35 -12.67 10.96
C ALA C 86 30.63 -11.39 10.59
N TRP C 87 29.40 -11.26 11.09
CA TRP C 87 28.59 -10.04 11.00
C TRP C 87 28.15 -9.60 12.38
N PRO C 88 29.11 -9.15 13.20
CA PRO C 88 28.96 -8.86 14.63
C PRO C 88 28.42 -7.46 14.92
N ASN C 89 28.34 -6.59 13.92
CA ASN C 89 28.10 -5.18 14.20
C ASN C 89 26.61 -4.91 14.47
N THR C 90 25.77 -5.89 14.14
CA THR C 90 24.32 -5.77 14.28
C THR C 90 23.72 -7.14 14.57
N ASN C 91 22.43 -7.15 14.89
CA ASN C 91 21.65 -8.35 15.05
C ASN C 91 22.36 -9.50 15.80
N PRO C 92 22.60 -9.32 17.10
CA PRO C 92 23.24 -10.36 17.92
C PRO C 92 22.40 -11.62 18.04
N PHE C 93 22.94 -12.77 17.65
CA PHE C 93 22.25 -14.05 17.83
C PHE C 93 22.50 -14.53 19.24
N MET C 94 23.75 -14.44 19.68
CA MET C 94 24.13 -15.02 20.95
C MET C 94 23.81 -14.04 22.08
N PRO C 95 23.41 -14.58 23.24
CA PRO C 95 23.29 -13.80 24.48
C PRO C 95 24.64 -13.23 24.91
N SER C 96 24.58 -12.30 25.86
CA SER C 96 25.76 -11.60 26.38
C SER C 96 26.46 -12.39 27.47
N SER C 97 25.68 -13.00 28.35
CA SER C 97 26.24 -13.76 29.46
C SER C 97 26.63 -15.16 29.01
N ALA C 98 27.74 -15.66 29.55
CA ALA C 98 28.29 -16.97 29.22
C ALA C 98 27.30 -18.10 29.48
N TYR C 99 26.66 -18.05 30.63
CA TYR C 99 25.78 -19.14 31.04
C TYR C 99 24.56 -19.27 30.14
N GLU C 100 23.96 -18.15 29.78
CA GLU C 100 22.79 -18.13 28.90
C GLU C 100 23.15 -18.63 27.51
N ARG C 101 24.39 -18.39 27.11
CA ARG C 101 24.94 -18.86 25.85
C ARG C 101 25.11 -20.38 25.90
N ALA C 102 25.65 -20.86 27.01
CA ALA C 102 25.77 -22.30 27.29
C ALA C 102 24.41 -22.98 27.21
N ARG C 103 23.40 -22.35 27.82
CA ARG C 103 22.04 -22.89 27.74
C ARG C 103 21.44 -22.83 26.34
N ALA C 104 21.70 -21.74 25.62
CA ALA C 104 21.27 -21.64 24.22
C ALA C 104 21.86 -22.77 23.36
N ARG C 105 23.17 -23.00 23.52
CA ARG C 105 23.87 -24.09 22.82
C ARG C 105 23.31 -25.45 23.23
N PHE C 106 23.13 -25.62 24.53
CA PHE C 106 22.57 -26.84 25.08
C PHE C 106 21.24 -27.14 24.40
N TRP C 107 20.37 -26.13 24.32
CA TRP C 107 19.04 -26.35 23.75
C TRP C 107 18.99 -26.53 22.23
N ALA C 108 19.87 -25.86 21.51
CA ALA C 108 19.97 -26.12 20.07
C ALA C 108 20.46 -27.56 19.81
N ASP C 109 21.52 -27.92 20.54
CA ASP C 109 22.02 -29.28 20.52
C ASP C 109 20.90 -30.26 20.82
N PHE C 110 20.10 -29.94 21.83
CA PHE C 110 18.96 -30.75 22.21
C PHE C 110 17.94 -30.87 21.09
N VAL C 111 17.67 -29.76 20.40
CA VAL C 111 16.79 -29.82 19.23
C VAL C 111 17.31 -30.84 18.23
N ASP C 112 18.61 -30.81 17.92
CA ASP C 112 19.16 -31.78 16.96
C ASP C 112 19.21 -33.23 17.43
N LYS C 113 19.74 -33.48 18.63
CA LYS C 113 19.97 -34.84 19.10
C LYS C 113 18.70 -35.56 19.56
N LYS C 114 17.72 -34.79 20.03
CA LYS C 114 16.52 -35.38 20.62
C LYS C 114 15.26 -35.18 19.79
N LEU C 115 14.79 -33.93 19.70
CA LEU C 115 13.58 -33.64 18.96
C LEU C 115 13.65 -34.18 17.54
N TYR C 116 14.83 -34.08 16.91
CA TYR C 116 15.00 -34.60 15.57
C TYR C 116 15.52 -36.05 15.54
N ASP C 117 16.79 -36.24 15.92
CA ASP C 117 17.44 -37.54 15.77
C ASP C 117 16.67 -38.64 16.50
N ASN C 118 16.16 -38.31 17.68
CA ASN C 118 15.42 -39.27 18.47
C ASN C 118 13.92 -38.96 18.52
N GLY C 119 13.43 -38.21 17.53
CA GLY C 119 12.01 -37.89 17.44
C GLY C 119 11.48 -37.95 16.02
N GLY C 120 11.56 -36.83 15.31
CA GLY C 120 10.98 -36.69 13.98
C GLY C 120 11.56 -37.63 12.94
N ALA C 121 12.87 -37.82 12.98
CA ALA C 121 13.54 -38.78 12.08
C ALA C 121 12.94 -40.17 12.22
N LEU C 122 12.67 -40.59 13.44
CA LEU C 122 12.10 -41.90 13.69
C LEU C 122 10.64 -41.95 13.24
N ILE C 123 9.94 -40.83 13.37
CA ILE C 123 8.57 -40.73 12.85
C ILE C 123 8.64 -40.95 11.35
N MET C 124 9.67 -40.40 10.71
CA MET C 124 9.91 -40.66 9.30
C MET C 124 10.22 -42.13 9.01
N LYS C 125 11.18 -42.68 9.75
CA LYS C 125 11.73 -43.99 9.43
C LYS C 125 10.98 -45.17 9.99
N CYS C 126 10.19 -44.95 11.05
CA CYS C 126 9.73 -46.07 11.84
C CYS C 126 8.27 -46.40 11.67
N LYS C 127 7.94 -47.55 12.26
CA LYS C 127 6.66 -48.20 12.10
C LYS C 127 6.17 -48.71 13.46
N GLY C 128 4.86 -48.75 13.65
CA GLY C 128 4.28 -49.32 14.85
C GLY C 128 4.65 -48.71 16.19
N GLU C 129 4.91 -49.61 17.14
CA GLU C 129 5.20 -49.26 18.52
C GLU C 129 6.44 -48.35 18.60
N ALA C 130 7.39 -48.60 17.71
CA ALA C 130 8.57 -47.76 17.55
C ALA C 130 8.15 -46.32 17.24
N GLN C 131 7.24 -46.18 16.29
CA GLN C 131 6.75 -44.87 15.89
C GLN C 131 5.98 -44.21 17.04
N GLU C 132 5.11 -44.96 17.69
CA GLU C 132 4.36 -44.40 18.83
C GLU C 132 5.37 -43.91 19.87
N GLU C 133 6.44 -44.69 20.07
CA GLU C 133 7.49 -44.29 21.01
C GLU C 133 8.19 -43.01 20.55
N ALA C 134 8.43 -42.89 19.24
CA ALA C 134 8.98 -41.65 18.70
C ALA C 134 8.06 -40.48 19.00
N LYS C 135 6.76 -40.69 18.85
CA LYS C 135 5.80 -39.62 19.13
C LYS C 135 5.75 -39.26 20.63
N ARG C 136 5.80 -40.27 21.49
CA ARG C 136 5.94 -40.04 22.93
C ARG C 136 7.15 -39.15 23.22
N ASN C 137 8.27 -39.54 22.62
CA ASN C 137 9.50 -38.77 22.73
C ASN C 137 9.35 -37.33 22.23
N MET C 138 8.77 -37.16 21.05
CA MET C 138 8.56 -35.83 20.50
C MET C 138 7.77 -34.93 21.44
N LEU C 139 6.69 -35.47 22.00
CA LEU C 139 5.89 -34.68 22.94
C LEU C 139 6.68 -34.31 24.18
N GLU C 140 7.40 -35.28 24.74
CA GLU C 140 8.26 -35.02 25.89
C GLU C 140 9.26 -33.89 25.58
N TYR C 141 9.90 -33.97 24.42
CA TYR C 141 10.90 -32.99 24.02
C TYR C 141 10.31 -31.60 23.77
N LEU C 142 9.16 -31.56 23.11
CA LEU C 142 8.46 -30.30 22.89
C LEU C 142 8.03 -29.69 24.22
N GLY C 143 7.64 -30.53 25.18
CA GLY C 143 7.38 -30.05 26.51
C GLY C 143 8.61 -29.38 27.10
N LEU C 144 9.73 -30.11 27.06
CA LEU C 144 11.01 -29.55 27.53
C LEU C 144 11.39 -28.24 26.85
N LEU C 145 11.07 -28.15 25.56
CA LEU C 145 11.38 -26.95 24.79
C LEU C 145 10.44 -25.78 25.08
N GLU C 146 9.17 -26.09 25.33
CA GLU C 146 8.21 -25.11 25.81
C GLU C 146 8.75 -24.53 27.11
N GLY C 147 9.24 -25.38 28.00
CA GLY C 147 9.89 -24.89 29.21
C GLY C 147 11.14 -24.09 28.91
N ALA C 148 11.94 -24.58 27.96
CA ALA C 148 13.17 -23.90 27.54
C ALA C 148 12.92 -22.47 27.05
N LEU C 149 11.82 -22.28 26.34
CA LEU C 149 11.43 -20.95 25.86
C LEU C 149 11.27 -19.96 27.02
N ASP C 150 10.49 -20.34 28.04
CA ASP C 150 10.31 -19.46 29.20
C ASP C 150 11.62 -19.32 29.96
N GLU C 151 12.44 -20.37 29.97
CA GLU C 151 13.75 -20.26 30.61
C GLU C 151 14.62 -19.19 29.97
N LEU C 152 14.86 -19.32 28.66
CA LEU C 152 15.80 -18.43 27.96
C LEU C 152 15.20 -17.06 27.70
N SER C 153 13.89 -16.98 27.61
CA SER C 153 13.22 -15.71 27.38
C SER C 153 13.07 -14.90 28.68
N GLY C 154 13.17 -15.58 29.82
CA GLY C 154 12.94 -14.94 31.10
C GLY C 154 11.50 -14.52 31.24
N GLY C 155 10.60 -15.30 30.64
CA GLY C 155 9.19 -14.97 30.64
C GLY C 155 8.85 -13.97 29.56
N ILE C 156 9.86 -13.20 29.12
CA ILE C 156 9.65 -12.15 28.13
C ILE C 156 9.22 -12.78 26.81
N LYS C 157 8.38 -12.06 26.07
CA LYS C 157 7.82 -12.59 24.85
C LYS C 157 8.30 -11.88 23.59
N PRO C 158 8.19 -12.56 22.43
CA PRO C 158 7.70 -13.93 22.25
C PRO C 158 8.81 -14.93 21.85
N TYR C 159 10.07 -14.49 21.84
CA TYR C 159 11.18 -15.31 21.34
C TYR C 159 11.96 -16.01 22.44
N PHE C 160 12.84 -16.92 22.05
CA PHE C 160 13.77 -17.56 22.96
C PHE C 160 14.74 -16.52 23.51
N GLY C 161 14.91 -15.42 22.79
CA GLY C 161 15.65 -14.28 23.28
C GLY C 161 14.73 -13.17 23.77
N GLY C 162 13.53 -13.55 24.20
CA GLY C 162 12.54 -12.59 24.65
C GLY C 162 12.03 -11.71 23.52
N GLU C 163 12.46 -10.46 23.52
CA GLU C 163 12.06 -9.50 22.50
C GLU C 163 13.00 -9.55 21.30
N LYS C 164 14.13 -10.24 21.46
CA LYS C 164 15.10 -10.31 20.39
C LYS C 164 15.10 -11.73 19.83
N PHE C 165 15.17 -11.79 18.51
CA PHE C 165 15.12 -13.02 17.73
C PHE C 165 16.54 -13.55 17.57
N GLY C 166 16.83 -14.69 18.22
CA GLY C 166 18.21 -15.11 18.37
C GLY C 166 18.61 -16.50 17.88
N TYR C 167 19.80 -16.89 18.30
CA TYR C 167 20.48 -18.12 17.90
C TYR C 167 19.54 -19.32 17.98
N MET C 168 18.85 -19.39 19.10
CA MET C 168 17.96 -20.50 19.40
C MET C 168 16.66 -20.47 18.57
N ASP C 169 16.14 -19.26 18.34
CA ASP C 169 15.00 -19.08 17.46
C ASP C 169 15.31 -19.61 16.08
N ILE C 170 16.50 -19.22 15.62
CA ILE C 170 17.05 -19.65 14.34
C ILE C 170 17.29 -21.16 14.28
N ALA C 171 17.87 -21.72 15.34
CA ALA C 171 18.13 -23.16 15.39
C ALA C 171 16.84 -23.97 15.33
N PHE C 172 15.79 -23.48 15.99
CA PHE C 172 14.56 -24.26 16.10
C PHE C 172 13.46 -23.95 15.05
N ILE C 173 13.24 -22.70 14.64
CA ILE C 173 12.01 -22.37 13.88
C ILE C 173 11.82 -23.10 12.51
N PRO C 174 12.90 -23.53 11.83
CA PRO C 174 12.62 -24.27 10.58
C PRO C 174 11.89 -25.61 10.76
N PHE C 175 11.89 -26.14 11.98
CA PHE C 175 11.21 -27.40 12.22
C PHE C 175 9.69 -27.21 12.23
N ALA C 176 9.23 -25.97 12.32
CA ALA C 176 7.79 -25.68 12.20
C ALA C 176 7.30 -25.98 10.78
N SER C 177 8.21 -25.91 9.82
CA SER C 177 7.90 -26.31 8.44
C SER C 177 7.75 -27.83 8.30
N TRP C 178 8.09 -28.56 9.37
CA TRP C 178 8.09 -30.04 9.36
C TRP C 178 7.01 -30.70 10.21
N PHE C 179 6.30 -29.87 10.97
CA PHE C 179 5.24 -30.34 11.85
C PHE C 179 4.18 -31.11 11.09
N GLN C 180 3.66 -30.50 10.04
CA GLN C 180 2.64 -31.15 9.22
C GLN C 180 3.17 -32.48 8.71
N ALA C 181 4.42 -32.52 8.28
CA ALA C 181 5.04 -33.74 7.79
C ALA C 181 5.04 -34.83 8.87
N TRP C 182 5.41 -34.43 10.09
CA TRP C 182 5.42 -35.34 11.21
C TRP C 182 4.02 -35.83 11.54
N GLU C 183 3.05 -34.93 11.45
CA GLU C 183 1.66 -35.27 11.67
C GLU C 183 1.19 -36.28 10.61
N VAL C 184 1.56 -36.01 9.36
CA VAL C 184 1.16 -36.86 8.25
C VAL C 184 1.75 -38.27 8.38
N MET C 185 3.06 -38.36 8.60
CA MET C 185 3.72 -39.67 8.64
C MET C 185 3.40 -40.50 9.88
N GLY C 186 2.99 -39.85 10.96
CA GLY C 186 2.59 -40.55 12.17
C GLY C 186 1.08 -40.69 12.27
N ASN C 187 0.39 -40.16 11.26
CA ASN C 187 -1.08 -40.13 11.25
C ASN C 187 -1.67 -39.61 12.54
N TRP C 188 -1.27 -38.42 12.94
CA TRP C 188 -1.73 -37.87 14.20
C TRP C 188 -1.78 -36.35 14.14
N LYS C 189 -2.09 -35.74 15.28
CA LYS C 189 -2.20 -34.29 15.41
C LYS C 189 -1.28 -33.87 16.54
N ILE C 190 -0.38 -32.93 16.27
CA ILE C 190 0.46 -32.41 17.32
C ILE C 190 -0.24 -31.24 18.02
N PRO C 191 -0.51 -31.38 19.33
CA PRO C 191 -1.30 -30.45 20.11
C PRO C 191 -0.48 -29.27 20.62
N LEU C 192 0.07 -28.46 19.72
CA LEU C 192 0.87 -27.30 20.13
C LEU C 192 0.02 -26.26 20.85
N GLU C 193 -1.09 -25.88 20.23
CA GLU C 193 -1.93 -24.81 20.75
C GLU C 193 -2.44 -25.06 22.16
N THR C 194 -2.54 -26.34 22.52
CA THR C 194 -3.15 -26.76 23.77
C THR C 194 -2.14 -27.20 24.82
N GLN C 195 -1.12 -27.93 24.38
CA GLN C 195 -0.20 -28.59 25.28
C GLN C 195 1.09 -27.75 25.30
N PHE C 196 1.36 -27.03 24.21
CA PHE C 196 2.56 -26.19 24.09
C PHE C 196 2.27 -24.76 23.55
N PRO C 197 1.50 -23.94 24.29
CA PRO C 197 1.02 -22.67 23.72
C PRO C 197 2.11 -21.62 23.43
N ARG C 198 3.14 -21.58 24.26
CA ARG C 198 4.26 -20.65 24.04
C ARG C 198 4.93 -20.89 22.69
N LEU C 199 5.17 -22.14 22.35
CA LEU C 199 5.79 -22.50 21.08
C LEU C 199 4.91 -22.11 19.91
N HIS C 200 3.61 -22.34 20.08
CA HIS C 200 2.61 -21.93 19.10
C HIS C 200 2.69 -20.42 18.83
N GLU C 201 2.59 -19.63 19.90
CA GLU C 201 2.67 -18.18 19.81
C GLU C 201 4.00 -17.76 19.19
N TRP C 202 5.06 -18.47 19.58
CA TRP C 202 6.42 -18.18 19.12
C TRP C 202 6.57 -18.39 17.62
N VAL C 203 6.07 -19.53 17.14
CA VAL C 203 6.02 -19.83 15.71
C VAL C 203 5.25 -18.76 14.95
N ASN C 204 4.05 -18.44 15.43
CA ASN C 204 3.23 -17.42 14.80
C ASN C 204 3.95 -16.06 14.76
N ALA C 205 4.60 -15.70 15.88
CA ALA C 205 5.43 -14.50 15.94
C ALA C 205 6.59 -14.55 14.95
N CYS C 206 7.32 -15.67 14.93
CA CYS C 206 8.48 -15.81 14.03
C CYS C 206 8.04 -15.70 12.60
N MET C 207 6.85 -16.20 12.31
CA MET C 207 6.34 -16.16 10.95
C MET C 207 6.07 -14.73 10.44
N GLU C 208 6.02 -13.74 11.34
CA GLU C 208 5.82 -12.35 10.95
C GLU C 208 7.10 -11.66 10.46
N ARG C 209 8.25 -12.31 10.68
CA ARG C 209 9.52 -11.73 10.27
C ARG C 209 9.77 -11.98 8.79
N GLU C 210 10.47 -11.04 8.17
CA GLU C 210 10.76 -11.05 6.75
C GLU C 210 11.56 -12.28 6.35
N SER C 211 12.60 -12.54 7.15
CA SER C 211 13.52 -13.64 6.93
C SER C 211 12.82 -14.99 6.74
N VAL C 212 12.03 -15.33 7.77
CA VAL C 212 11.29 -16.57 7.84
C VAL C 212 10.27 -16.66 6.69
N LYS C 213 9.55 -15.57 6.44
CA LYS C 213 8.67 -15.51 5.28
C LYS C 213 9.44 -15.69 3.97
N LYS C 214 10.66 -15.20 3.89
CA LYS C 214 11.40 -15.32 2.64
C LYS C 214 11.93 -16.74 2.40
N VAL C 215 12.48 -17.40 3.42
CA VAL C 215 13.11 -18.71 3.17
C VAL C 215 12.35 -19.98 3.58
N LEU C 216 11.42 -19.90 4.53
CA LEU C 216 10.78 -21.14 4.99
C LEU C 216 9.75 -21.65 3.97
N PRO C 217 9.88 -22.92 3.54
CA PRO C 217 8.95 -23.46 2.53
C PRO C 217 7.60 -23.88 3.11
N HIS C 218 6.61 -24.02 2.23
CA HIS C 218 5.27 -24.46 2.60
C HIS C 218 5.30 -25.90 3.17
N PRO C 219 4.64 -26.14 4.33
CA PRO C 219 4.61 -27.45 5.00
C PRO C 219 4.09 -28.61 4.17
N GLU C 220 3.18 -28.30 3.26
CA GLU C 220 2.52 -29.30 2.42
C GLU C 220 3.57 -30.01 1.55
N LYS C 221 4.42 -29.19 0.96
CA LYS C 221 5.49 -29.63 0.07
C LYS C 221 6.50 -30.48 0.81
N VAL C 222 6.85 -30.00 2.00
CA VAL C 222 7.76 -30.69 2.90
C VAL C 222 7.19 -32.03 3.27
N ALA C 223 5.88 -32.05 3.51
CA ALA C 223 5.18 -33.27 3.89
C ALA C 223 5.19 -34.28 2.75
N GLU C 224 4.88 -33.81 1.54
CA GLU C 224 4.94 -34.67 0.35
C GLU C 224 6.32 -35.29 0.27
N PHE C 225 7.30 -34.42 0.36
CA PHE C 225 8.71 -34.76 0.30
C PHE C 225 9.09 -35.79 1.37
N ALA C 226 8.60 -35.57 2.59
CA ALA C 226 8.89 -36.44 3.71
C ALA C 226 8.27 -37.82 3.49
N MET C 227 7.07 -37.86 2.93
CA MET C 227 6.39 -39.13 2.63
C MET C 227 7.20 -39.91 1.59
N GLN C 228 7.61 -39.18 0.55
CA GLN C 228 8.47 -39.74 -0.49
C GLN C 228 9.67 -40.40 0.17
N MET C 229 10.30 -39.68 1.10
CA MET C 229 11.44 -40.22 1.81
C MET C 229 11.09 -41.35 2.76
N ARG C 230 9.89 -41.32 3.31
CA ARG C 230 9.47 -42.36 4.21
C ARG C 230 9.38 -43.70 3.49
N ARG C 231 8.93 -43.67 2.23
CA ARG C 231 8.83 -44.92 1.45
C ARG C 231 10.14 -45.69 1.31
N ARG C 232 11.24 -44.96 1.32
CA ARG C 232 12.57 -45.55 1.24
C ARG C 232 12.83 -46.44 2.44
N PHE C 233 12.18 -46.08 3.54
CA PHE C 233 12.20 -46.84 4.77
C PHE C 233 10.82 -47.46 4.79
N VAL C 234 10.49 -48.26 5.79
CA VAL C 234 9.15 -48.86 5.84
C VAL C 234 8.60 -49.28 4.46
N GLN D 13 -23.42 18.80 -17.71
CA GLN D 13 -24.86 19.01 -17.55
C GLN D 13 -25.26 19.22 -16.07
N VAL D 14 -24.28 19.07 -15.18
CA VAL D 14 -24.49 19.38 -13.76
C VAL D 14 -23.45 20.41 -13.33
N LYS D 15 -23.94 21.51 -12.75
CA LYS D 15 -23.09 22.60 -12.33
C LYS D 15 -23.33 23.05 -10.90
N VAL D 16 -22.25 23.39 -10.20
CA VAL D 16 -22.36 23.85 -8.81
C VAL D 16 -21.73 25.23 -8.65
N LEU D 17 -22.55 26.16 -8.17
CA LEU D 17 -22.09 27.50 -7.83
C LEU D 17 -21.89 27.57 -6.32
N ASN D 18 -20.68 27.95 -5.90
CA ASN D 18 -20.36 27.88 -4.47
C ASN D 18 -19.23 28.78 -4.01
N LEU D 19 -19.16 28.97 -2.69
CA LEU D 19 -18.01 29.53 -2.01
C LEU D 19 -17.22 28.37 -1.38
N TRP D 20 -15.93 28.29 -1.69
CA TRP D 20 -15.10 27.12 -1.36
C TRP D 20 -15.16 26.76 0.13
N ALA D 21 -15.26 27.77 0.99
CA ALA D 21 -15.20 27.57 2.44
C ALA D 21 -16.60 27.36 3.04
N SER D 22 -17.64 27.50 2.24
CA SER D 22 -19.00 27.36 2.75
C SER D 22 -19.36 25.89 3.05
N PRO D 23 -19.65 25.55 4.32
CA PRO D 23 -20.09 24.18 4.64
C PRO D 23 -21.38 23.77 3.93
N PHE D 24 -22.25 24.74 3.67
CA PHE D 24 -23.56 24.47 3.09
C PHE D 24 -23.44 23.99 1.64
N GLY D 25 -22.47 24.52 0.90
CA GLY D 25 -22.17 24.01 -0.43
C GLY D 25 -21.29 22.77 -0.44
N LEU D 26 -20.42 22.69 0.56
CA LEU D 26 -19.57 21.52 0.76
C LEU D 26 -20.43 20.28 0.96
N ARG D 27 -21.57 20.46 1.65
CA ARG D 27 -22.59 19.41 1.68
C ARG D 27 -22.90 18.89 0.29
N VAL D 28 -23.22 19.81 -0.62
CA VAL D 28 -23.59 19.49 -1.99
C VAL D 28 -22.45 18.77 -2.72
N LEU D 29 -21.24 19.29 -2.63
CA LEU D 29 -20.13 18.59 -3.27
C LEU D 29 -19.94 17.16 -2.72
N VAL D 30 -19.92 17.01 -1.39
CA VAL D 30 -19.77 15.69 -0.77
C VAL D 30 -20.87 14.76 -1.29
N GLY D 31 -22.10 15.25 -1.27
CA GLY D 31 -23.23 14.51 -1.78
C GLY D 31 -23.05 14.10 -3.23
N LEU D 32 -22.56 15.02 -4.08
CA LEU D 32 -22.33 14.65 -5.49
C LEU D 32 -21.28 13.56 -5.63
N GLU D 33 -20.18 13.70 -4.88
CA GLU D 33 -19.10 12.73 -4.96
C GLU D 33 -19.55 11.34 -4.51
N GLU D 34 -20.34 11.28 -3.43
CA GLU D 34 -20.84 10.00 -2.96
C GLU D 34 -21.66 9.27 -4.02
N LYS D 35 -22.44 10.00 -4.80
CA LYS D 35 -23.25 9.42 -5.88
C LYS D 35 -22.41 9.14 -7.14
N GLY D 36 -21.15 9.58 -7.13
CA GLY D 36 -20.29 9.39 -8.28
C GLY D 36 -20.68 10.30 -9.44
N VAL D 37 -21.28 11.45 -9.15
CA VAL D 37 -21.67 12.39 -10.19
C VAL D 37 -20.49 13.29 -10.58
N LYS D 38 -20.30 13.46 -11.87
CA LYS D 38 -19.25 14.34 -12.39
C LYS D 38 -19.91 15.71 -12.58
N TYR D 39 -19.23 16.78 -12.17
CA TYR D 39 -19.86 18.10 -12.15
C TYR D 39 -18.90 19.23 -12.46
N GLU D 40 -19.48 20.32 -12.94
CA GLU D 40 -18.81 21.60 -13.09
C GLU D 40 -18.84 22.38 -11.77
N TYR D 41 -17.76 23.08 -11.46
CA TYR D 41 -17.71 23.92 -10.27
C TYR D 41 -17.37 25.36 -10.64
N GLN D 42 -18.14 26.29 -10.10
CA GLN D 42 -17.89 27.72 -10.27
C GLN D 42 -17.84 28.42 -8.91
N GLU D 43 -16.67 29.01 -8.65
CA GLU D 43 -16.44 29.79 -7.45
C GLU D 43 -17.09 31.15 -7.60
N GLU D 44 -17.84 31.55 -6.58
CA GLU D 44 -18.49 32.86 -6.60
C GLU D 44 -17.84 33.81 -5.61
N ASN D 45 -17.66 35.05 -6.05
CA ASN D 45 -17.32 36.16 -5.18
C ASN D 45 -18.64 36.81 -4.77
N LEU D 46 -18.96 36.74 -3.49
CA LEU D 46 -20.24 37.23 -2.98
C LEU D 46 -20.34 38.75 -2.95
N ALA D 47 -19.20 39.42 -3.12
CA ALA D 47 -19.18 40.88 -3.18
C ALA D 47 -19.51 41.32 -4.60
N SER D 48 -19.29 40.43 -5.56
CA SER D 48 -19.64 40.66 -6.95
C SER D 48 -20.18 39.37 -7.55
N LYS D 49 -21.47 39.15 -7.32
CA LYS D 49 -22.13 37.91 -7.70
C LYS D 49 -22.42 37.81 -9.19
N SER D 50 -22.18 36.62 -9.73
CA SER D 50 -22.50 36.32 -11.12
C SER D 50 -23.97 36.55 -11.42
N GLU D 51 -24.24 37.00 -12.64
CA GLU D 51 -25.61 37.16 -13.12
C GLU D 51 -26.31 35.80 -13.09
N LEU D 52 -25.51 34.76 -13.30
CA LEU D 52 -25.98 33.38 -13.28
C LEU D 52 -26.62 33.02 -11.93
N LEU D 53 -25.89 33.32 -10.88
CA LEU D 53 -26.36 33.17 -9.50
C LEU D 53 -27.60 33.99 -9.19
N LEU D 54 -27.65 35.21 -9.71
CA LEU D 54 -28.78 36.09 -9.48
C LEU D 54 -29.98 35.66 -10.30
N LYS D 55 -29.76 35.05 -11.48
CA LYS D 55 -30.88 34.47 -12.24
C LYS D 55 -31.37 33.22 -11.55
N MET D 56 -30.42 32.45 -11.02
CA MET D 56 -30.74 31.16 -10.41
C MET D 56 -31.22 31.25 -8.97
N ASN D 57 -30.71 32.22 -8.23
CA ASN D 57 -31.15 32.40 -6.85
C ASN D 57 -31.46 33.88 -6.60
N PRO D 58 -32.48 34.41 -7.29
CA PRO D 58 -32.89 35.82 -7.25
C PRO D 58 -33.53 36.22 -5.94
N ILE D 59 -34.10 35.23 -5.25
CA ILE D 59 -34.83 35.46 -4.02
C ILE D 59 -33.90 35.55 -2.81
N HIS D 60 -32.90 34.68 -2.76
CA HIS D 60 -31.96 34.63 -1.64
C HIS D 60 -30.59 35.17 -2.04
N LYS D 61 -30.22 35.00 -3.31
CA LYS D 61 -28.94 35.49 -3.82
C LYS D 61 -27.80 34.85 -3.04
N LYS D 62 -28.02 33.59 -2.70
CA LYS D 62 -27.08 32.81 -1.91
C LYS D 62 -26.48 31.62 -2.65
N ILE D 63 -25.29 31.21 -2.22
CA ILE D 63 -24.76 29.89 -2.53
C ILE D 63 -25.17 28.97 -1.36
N PRO D 64 -25.18 27.66 -1.58
CA PRO D 64 -24.87 26.98 -2.84
C PRO D 64 -26.01 27.01 -3.85
N VAL D 65 -25.68 26.86 -5.12
CA VAL D 65 -26.71 26.56 -6.11
C VAL D 65 -26.30 25.34 -6.93
N LEU D 66 -27.24 24.41 -7.09
CA LEU D 66 -27.01 23.24 -7.94
C LEU D 66 -27.86 23.36 -9.19
N ILE D 67 -27.21 23.42 -10.34
CA ILE D 67 -27.90 23.50 -11.62
C ILE D 67 -27.88 22.14 -12.30
N HIS D 68 -29.08 21.58 -12.46
CA HIS D 68 -29.25 20.30 -13.11
C HIS D 68 -30.12 20.48 -14.36
N ASN D 69 -29.53 20.18 -15.52
CA ASN D 69 -30.16 20.41 -16.81
C ASN D 69 -30.77 21.80 -16.87
N ASP D 70 -29.92 22.76 -16.49
CA ASP D 70 -30.22 24.19 -16.52
C ASP D 70 -31.44 24.57 -15.64
N LYS D 71 -31.90 23.65 -14.79
CA LYS D 71 -32.91 23.94 -13.77
C LYS D 71 -32.22 23.97 -12.39
N PRO D 72 -32.38 25.08 -11.64
CA PRO D 72 -31.71 25.29 -10.35
C PRO D 72 -32.38 24.68 -9.12
N VAL D 73 -31.57 24.01 -8.31
CA VAL D 73 -31.97 23.47 -7.02
C VAL D 73 -31.29 24.29 -5.92
N LEU D 74 -32.11 24.71 -4.96
CA LEU D 74 -31.75 25.71 -3.94
C LEU D 74 -31.94 25.23 -2.51
N GLU D 75 -31.11 25.77 -1.61
CA GLU D 75 -31.10 25.45 -0.17
C GLU D 75 -30.50 24.07 0.06
N SER D 76 -29.37 24.05 0.74
CA SER D 76 -28.44 22.92 0.76
C SER D 76 -29.07 21.59 1.16
N LEU D 77 -29.82 21.56 2.25
CA LEU D 77 -30.40 20.32 2.71
C LEU D 77 -31.40 19.74 1.70
N ILE D 78 -32.17 20.65 1.09
CA ILE D 78 -33.11 20.30 0.03
C ILE D 78 -32.36 19.79 -1.20
N ILE D 79 -31.20 20.38 -1.46
CA ILE D 79 -30.35 19.96 -2.56
C ILE D 79 -29.82 18.55 -2.30
N VAL D 80 -29.43 18.29 -1.04
CA VAL D 80 -28.97 16.97 -0.66
C VAL D 80 -30.09 15.95 -0.86
N GLU D 81 -31.29 16.26 -0.37
CA GLU D 81 -32.43 15.36 -0.64
C GLU D 81 -32.68 15.20 -2.13
N TYR D 82 -32.57 16.29 -2.88
CA TYR D 82 -32.74 16.23 -4.32
C TYR D 82 -31.72 15.27 -4.96
N ILE D 83 -30.46 15.41 -4.56
CA ILE D 83 -29.38 14.54 -5.04
C ILE D 83 -29.67 13.08 -4.73
N ASP D 84 -30.11 12.82 -3.51
CA ASP D 84 -30.47 11.47 -3.14
C ASP D 84 -31.63 10.96 -4.00
N GLU D 85 -32.61 11.81 -4.25
CA GLU D 85 -33.78 11.42 -5.03
C GLU D 85 -33.53 11.43 -6.55
N ALA D 86 -32.50 12.15 -6.99
CA ALA D 86 -32.18 12.26 -8.42
C ALA D 86 -31.20 11.18 -8.84
N TRP D 87 -30.42 10.68 -7.89
CA TRP D 87 -29.55 9.51 -8.08
C TRP D 87 -29.90 8.47 -7.00
N PRO D 88 -31.10 7.88 -7.12
CA PRO D 88 -31.74 7.02 -6.11
C PRO D 88 -31.32 5.55 -6.20
N ASN D 89 -30.67 5.17 -7.29
CA ASN D 89 -30.43 3.76 -7.58
C ASN D 89 -29.27 3.21 -6.77
N THR D 90 -28.64 4.11 -6.03
CA THR D 90 -27.36 3.85 -5.41
C THR D 90 -27.08 4.84 -4.28
N ASN D 91 -26.21 4.44 -3.35
CA ASN D 91 -25.79 5.27 -2.22
C ASN D 91 -26.93 6.08 -1.58
N PRO D 92 -27.84 5.38 -0.90
CA PRO D 92 -28.96 6.02 -0.18
C PRO D 92 -28.49 6.93 0.95
N PHE D 93 -28.86 8.21 0.93
CA PHE D 93 -28.53 9.12 2.02
C PHE D 93 -29.54 8.97 3.15
N MET D 94 -30.81 8.91 2.79
CA MET D 94 -31.89 8.93 3.76
C MET D 94 -32.15 7.55 4.33
N PRO D 95 -32.56 7.49 5.61
CA PRO D 95 -33.03 6.23 6.21
C PRO D 95 -34.25 5.71 5.47
N SER D 96 -34.59 4.45 5.70
CA SER D 96 -35.72 3.79 5.07
C SER D 96 -37.02 4.09 5.82
N SER D 97 -36.93 4.09 7.16
CA SER D 97 -38.12 4.34 7.96
C SER D 97 -38.40 5.84 8.05
N ALA D 98 -39.68 6.17 8.03
CA ALA D 98 -40.16 7.54 8.06
C ALA D 98 -39.67 8.30 9.29
N TYR D 99 -39.75 7.65 10.44
CA TYR D 99 -39.41 8.32 11.68
C TYR D 99 -37.91 8.65 11.79
N GLU D 100 -37.05 7.72 11.39
CA GLU D 100 -35.61 7.96 11.41
C GLU D 100 -35.22 9.08 10.42
N ARG D 101 -36.00 9.19 9.34
CA ARG D 101 -35.85 10.26 8.35
C ARG D 101 -36.23 11.61 8.96
N ALA D 102 -37.35 11.59 9.70
CA ALA D 102 -37.78 12.77 10.46
C ALA D 102 -36.69 13.20 11.43
N ARG D 103 -36.10 12.26 12.14
CA ARG D 103 -35.01 12.58 13.07
C ARG D 103 -33.76 13.07 12.34
N ALA D 104 -33.46 12.46 11.20
CA ALA D 104 -32.33 12.90 10.38
C ALA D 104 -32.47 14.36 9.96
N ARG D 105 -33.66 14.71 9.46
CA ARG D 105 -34.01 16.08 9.09
C ARG D 105 -33.96 17.03 10.28
N PHE D 106 -34.57 16.59 11.37
CA PHE D 106 -34.58 17.35 12.60
C PHE D 106 -33.17 17.74 13.00
N TRP D 107 -32.26 16.76 13.01
CA TRP D 107 -30.88 17.03 13.42
C TRP D 107 -30.04 17.82 12.41
N ALA D 108 -30.27 17.65 11.10
CA ALA D 108 -29.59 18.52 10.14
C ALA D 108 -30.05 19.99 10.30
N ASP D 109 -31.37 20.16 10.35
CA ASP D 109 -31.96 21.45 10.62
C ASP D 109 -31.36 22.02 11.91
N PHE D 110 -31.22 21.15 12.90
CA PHE D 110 -30.60 21.52 14.17
C PHE D 110 -29.16 22.00 13.97
N VAL D 111 -28.41 21.32 13.12
CA VAL D 111 -27.06 21.77 12.76
C VAL D 111 -27.12 23.21 12.24
N ASP D 112 -28.04 23.49 11.31
CA ASP D 112 -28.11 24.85 10.76
C ASP D 112 -28.60 25.92 11.75
N LYS D 113 -29.74 25.70 12.40
CA LYS D 113 -30.37 26.73 13.22
C LYS D 113 -29.68 26.97 14.56
N LYS D 114 -29.06 25.94 15.12
CA LYS D 114 -28.48 26.00 16.47
C LYS D 114 -26.97 25.96 16.49
N LEU D 115 -26.39 24.82 16.11
CA LEU D 115 -24.95 24.68 16.11
C LEU D 115 -24.24 25.80 15.37
N TYR D 116 -24.81 26.21 14.24
CA TYR D 116 -24.23 27.27 13.45
C TYR D 116 -24.80 28.66 13.79
N ASP D 117 -26.08 28.87 13.46
CA ASP D 117 -26.68 30.19 13.60
C ASP D 117 -26.61 30.69 15.04
N ASN D 118 -26.80 29.80 16.00
CA ASN D 118 -26.76 30.19 17.41
C ASN D 118 -25.50 29.70 18.10
N GLY D 119 -24.46 29.42 17.32
CA GLY D 119 -23.18 28.99 17.87
C GLY D 119 -22.00 29.62 17.18
N GLY D 120 -21.52 28.97 16.10
CA GLY D 120 -20.33 29.40 15.39
C GLY D 120 -20.39 30.77 14.74
N ALA D 121 -21.53 31.08 14.12
CA ALA D 121 -21.75 32.39 13.51
C ALA D 121 -21.51 33.50 14.53
N LEU D 122 -21.98 33.28 15.75
CA LEU D 122 -21.81 34.24 16.83
C LEU D 122 -20.37 34.29 17.32
N ILE D 123 -19.69 33.14 17.31
CA ILE D 123 -18.27 33.11 17.64
C ILE D 123 -17.52 33.97 16.65
N MET D 124 -17.93 33.89 15.39
CA MET D 124 -17.40 34.76 14.36
C MET D 124 -17.73 36.22 14.63
N LYS D 125 -19.01 36.49 14.86
CA LYS D 125 -19.47 37.86 14.90
C LYS D 125 -19.36 38.52 16.25
N CYS D 126 -19.29 37.74 17.33
CA CYS D 126 -19.52 38.31 18.65
C CYS D 126 -18.27 38.46 19.45
N LYS D 127 -18.46 39.19 20.53
CA LYS D 127 -17.41 39.67 21.38
C LYS D 127 -17.83 39.52 22.84
N GLY D 128 -16.85 39.35 23.71
CA GLY D 128 -17.09 39.30 25.14
C GLY D 128 -17.99 38.19 25.66
N GLU D 129 -18.84 38.58 26.61
CA GLU D 129 -19.71 37.65 27.32
C GLU D 129 -20.65 36.96 26.32
N ALA D 130 -21.04 37.70 25.29
CA ALA D 130 -21.82 37.15 24.17
C ALA D 130 -21.06 36.01 23.52
N GLN D 131 -19.78 36.22 23.25
CA GLN D 131 -18.96 35.19 22.63
C GLN D 131 -18.85 34.00 23.56
N GLU D 132 -18.59 34.27 24.83
CA GLU D 132 -18.49 33.18 25.82
C GLU D 132 -19.79 32.39 25.80
N GLU D 133 -20.90 33.10 25.73
CA GLU D 133 -22.20 32.46 25.66
C GLU D 133 -22.38 31.64 24.37
N ALA D 134 -21.87 32.16 23.25
CA ALA D 134 -21.88 31.42 21.99
C ALA D 134 -21.12 30.11 22.14
N LYS D 135 -19.97 30.17 22.79
CA LYS D 135 -19.14 28.99 22.98
C LYS D 135 -19.82 27.95 23.90
N ARG D 136 -20.38 28.46 25.00
CA ARG D 136 -21.16 27.62 25.91
C ARG D 136 -22.29 26.89 25.15
N ASN D 137 -23.02 27.65 24.34
CA ASN D 137 -24.05 27.09 23.48
C ASN D 137 -23.49 26.01 22.54
N MET D 138 -22.37 26.31 21.88
CA MET D 138 -21.77 25.34 20.99
C MET D 138 -21.52 24.02 21.68
N LEU D 139 -20.98 24.10 22.89
CA LEU D 139 -20.72 22.87 23.65
C LEU D 139 -22.02 22.13 23.94
N GLU D 140 -23.05 22.85 24.37
CA GLU D 140 -24.36 22.21 24.57
C GLU D 140 -24.84 21.47 23.30
N TYR D 141 -24.73 22.15 22.17
CA TYR D 141 -25.19 21.60 20.89
C TYR D 141 -24.36 20.38 20.41
N LEU D 142 -23.04 20.44 20.58
CA LEU D 142 -22.21 19.29 20.26
C LEU D 142 -22.54 18.13 21.18
N GLY D 143 -22.87 18.42 22.44
CA GLY D 143 -23.36 17.37 23.32
C GLY D 143 -24.59 16.68 22.77
N LEU D 144 -25.59 17.50 22.44
CA LEU D 144 -26.80 16.95 21.82
C LEU D 144 -26.50 16.14 20.56
N LEU D 145 -25.50 16.57 19.80
CA LEU D 145 -25.15 15.87 18.58
C LEU D 145 -24.37 14.58 18.76
N GLU D 146 -23.55 14.50 19.80
CA GLU D 146 -22.93 13.22 20.23
C GLU D 146 -24.05 12.23 20.51
N GLY D 147 -25.02 12.71 21.30
CA GLY D 147 -26.18 11.89 21.59
C GLY D 147 -26.96 11.53 20.35
N ALA D 148 -27.14 12.50 19.46
CA ALA D 148 -27.84 12.28 18.19
C ALA D 148 -27.15 11.21 17.34
N LEU D 149 -25.82 11.24 17.32
CA LEU D 149 -25.06 10.23 16.62
C LEU D 149 -25.39 8.85 17.16
N ASP D 150 -25.34 8.66 18.48
CA ASP D 150 -25.69 7.33 18.98
C ASP D 150 -27.16 7.01 18.73
N GLU D 151 -28.02 8.03 18.77
CA GLU D 151 -29.44 7.84 18.48
C GLU D 151 -29.65 7.29 17.09
N LEU D 152 -29.15 7.99 16.09
CA LEU D 152 -29.40 7.64 14.70
C LEU D 152 -28.59 6.45 14.22
N SER D 153 -27.43 6.23 14.83
CA SER D 153 -26.57 5.11 14.47
C SER D 153 -27.00 3.78 15.09
N GLY D 154 -27.78 3.84 16.18
CA GLY D 154 -28.16 2.65 16.92
C GLY D 154 -26.96 2.00 17.56
N GLY D 155 -25.98 2.81 17.96
CA GLY D 155 -24.77 2.30 18.54
C GLY D 155 -23.81 1.85 17.46
N ILE D 156 -24.35 1.52 16.28
CA ILE D 156 -23.55 0.99 15.17
C ILE D 156 -22.56 2.06 14.77
N LYS D 157 -21.38 1.63 14.37
CA LYS D 157 -20.32 2.58 14.04
C LYS D 157 -19.93 2.61 12.57
N PRO D 158 -19.31 3.73 12.14
CA PRO D 158 -19.05 4.94 12.93
C PRO D 158 -19.91 6.15 12.54
N TYR D 159 -20.91 5.98 11.67
CA TYR D 159 -21.66 7.09 11.10
C TYR D 159 -23.01 7.34 11.78
N PHE D 160 -23.63 8.47 11.42
CA PHE D 160 -24.99 8.77 11.84
C PHE D 160 -25.91 7.71 11.26
N GLY D 161 -25.48 7.10 10.15
CA GLY D 161 -26.17 5.95 9.59
C GLY D 161 -25.48 4.63 9.92
N GLY D 162 -24.73 4.60 11.02
CA GLY D 162 -24.01 3.41 11.41
C GLY D 162 -22.88 3.05 10.47
N GLU D 163 -23.08 2.01 9.68
CA GLU D 163 -22.09 1.54 8.69
C GLU D 163 -22.23 2.30 7.40
N LYS D 164 -23.32 3.05 7.28
CA LYS D 164 -23.61 3.81 6.09
C LYS D 164 -23.42 5.28 6.35
N PHE D 165 -22.78 5.93 5.38
CA PHE D 165 -22.48 7.34 5.41
C PHE D 165 -23.62 8.05 4.75
N GLY D 166 -24.39 8.81 5.54
CA GLY D 166 -25.68 9.31 5.10
C GLY D 166 -25.93 10.80 5.15
N TYR D 167 -27.19 11.14 5.02
CA TYR D 167 -27.70 12.52 4.95
C TYR D 167 -27.13 13.41 6.04
N MET D 168 -27.20 12.92 7.27
CA MET D 168 -26.76 13.68 8.43
C MET D 168 -25.25 13.79 8.48
N ASP D 169 -24.57 12.72 8.06
CA ASP D 169 -23.12 12.76 7.96
C ASP D 169 -22.71 13.89 7.02
N ILE D 170 -23.36 13.93 5.86
CA ILE D 170 -23.16 14.95 4.85
C ILE D 170 -23.50 16.33 5.37
N ALA D 171 -24.61 16.41 6.08
CA ALA D 171 -25.09 17.66 6.65
C ALA D 171 -24.10 18.23 7.64
N PHE D 172 -23.48 17.38 8.44
CA PHE D 172 -22.63 17.85 9.53
C PHE D 172 -21.10 17.92 9.23
N ILE D 173 -20.52 16.95 8.52
CA ILE D 173 -19.05 16.81 8.49
C ILE D 173 -18.26 18.00 7.90
N PRO D 174 -18.84 18.81 7.00
CA PRO D 174 -18.05 19.97 6.57
C PRO D 174 -17.75 20.98 7.68
N PHE D 175 -18.47 20.93 8.80
CA PHE D 175 -18.22 21.86 9.88
C PHE D 175 -16.97 21.47 10.67
N ALA D 176 -16.48 20.25 10.48
CA ALA D 176 -15.21 19.85 11.08
C ALA D 176 -14.07 20.66 10.47
N SER D 177 -14.27 21.14 9.24
CA SER D 177 -13.31 22.03 8.59
C SER D 177 -13.33 23.42 9.25
N TRP D 178 -14.29 23.65 10.13
CA TRP D 178 -14.47 24.97 10.79
C TRP D 178 -14.14 24.99 12.28
N PHE D 179 -13.86 23.82 12.85
CA PHE D 179 -13.56 23.70 14.27
C PHE D 179 -12.41 24.58 14.68
N GLN D 180 -11.31 24.42 13.97
CA GLN D 180 -10.11 25.18 14.24
C GLN D 180 -10.43 26.67 14.15
N ALA D 181 -11.21 27.04 13.15
CA ALA D 181 -11.63 28.42 12.97
C ALA D 181 -12.39 28.93 14.20
N TRP D 182 -13.31 28.12 14.70
CA TRP D 182 -14.06 28.46 15.91
C TRP D 182 -13.15 28.53 17.13
N GLU D 183 -12.19 27.63 17.20
CA GLU D 183 -11.22 27.63 18.27
C GLU D 183 -10.44 28.94 18.23
N VAL D 184 -10.01 29.30 17.04
CA VAL D 184 -9.21 30.52 16.85
C VAL D 184 -10.00 31.80 17.17
N MET D 185 -11.19 31.95 16.60
CA MET D 185 -11.92 33.21 16.77
C MET D 185 -12.44 33.40 18.19
N GLY D 186 -12.58 32.31 18.93
CA GLY D 186 -12.96 32.37 20.34
C GLY D 186 -11.77 32.21 21.28
N ASN D 187 -10.57 32.05 20.73
CA ASN D 187 -9.36 31.83 21.53
C ASN D 187 -9.54 30.74 22.58
N TRP D 188 -9.94 29.56 22.14
CA TRP D 188 -10.22 28.47 23.07
C TRP D 188 -9.98 27.12 22.42
N LYS D 189 -10.31 26.06 23.16
CA LYS D 189 -10.14 24.69 22.70
C LYS D 189 -11.42 23.91 22.82
N ILE D 190 -11.82 23.26 21.73
CA ILE D 190 -12.98 22.40 21.76
C ILE D 190 -12.57 20.98 22.14
N PRO D 191 -13.10 20.48 23.27
CA PRO D 191 -12.70 19.20 23.85
C PRO D 191 -13.46 18.03 23.21
N LEU D 192 -13.29 17.80 21.91
CA LEU D 192 -13.99 16.69 21.26
C LEU D 192 -13.50 15.35 21.80
N GLU D 193 -12.18 15.17 21.79
CA GLU D 193 -11.59 13.88 22.16
C GLU D 193 -11.96 13.42 23.57
N THR D 194 -12.26 14.37 24.46
CA THR D 194 -12.48 14.07 25.87
C THR D 194 -13.96 14.08 26.21
N GLN D 195 -14.64 15.08 25.67
CA GLN D 195 -16.00 15.41 26.03
C GLN D 195 -16.99 14.96 24.95
N PHE D 196 -16.52 14.84 23.70
CA PHE D 196 -17.35 14.33 22.58
C PHE D 196 -16.64 13.28 21.68
N PRO D 197 -16.32 12.09 22.23
CA PRO D 197 -15.48 11.11 21.51
C PRO D 197 -16.10 10.45 20.27
N ARG D 198 -17.40 10.23 20.28
CA ARG D 198 -18.09 9.64 19.15
C ARG D 198 -17.94 10.52 17.90
N LEU D 199 -18.13 11.82 18.08
CA LEU D 199 -17.99 12.79 16.99
C LEU D 199 -16.56 12.82 16.47
N HIS D 200 -15.61 12.74 17.40
CA HIS D 200 -14.19 12.65 17.06
C HIS D 200 -13.89 11.46 16.15
N GLU D 201 -14.27 10.27 16.61
CA GLU D 201 -14.05 9.05 15.83
C GLU D 201 -14.74 9.18 14.49
N TRP D 202 -15.94 9.75 14.51
CA TRP D 202 -16.76 9.91 13.32
C TRP D 202 -16.13 10.82 12.26
N VAL D 203 -15.62 11.96 12.71
CA VAL D 203 -14.87 12.87 11.84
C VAL D 203 -13.71 12.12 11.19
N ASN D 204 -12.93 11.45 12.04
CA ASN D 204 -11.79 10.67 11.58
C ASN D 204 -12.21 9.57 10.60
N ALA D 205 -13.32 8.90 10.87
CA ALA D 205 -13.90 7.93 9.96
C ALA D 205 -14.26 8.59 8.62
N CYS D 206 -14.97 9.72 8.68
CA CYS D 206 -15.40 10.43 7.49
C CYS D 206 -14.23 10.91 6.67
N MET D 207 -13.15 11.31 7.34
CA MET D 207 -11.97 11.82 6.65
C MET D 207 -11.24 10.77 5.81
N GLU D 208 -11.54 9.50 6.04
CA GLU D 208 -10.98 8.42 5.23
C GLU D 208 -11.75 8.20 3.93
N ARG D 209 -12.90 8.85 3.77
CA ARG D 209 -13.66 8.70 2.54
C ARG D 209 -13.10 9.59 1.44
N GLU D 210 -13.20 9.09 0.21
CA GLU D 210 -12.66 9.77 -0.97
C GLU D 210 -13.31 11.14 -1.15
N SER D 211 -14.63 11.15 -1.01
CA SER D 211 -15.43 12.36 -1.16
C SER D 211 -14.93 13.53 -0.30
N VAL D 212 -14.87 13.27 1.00
CA VAL D 212 -14.45 14.24 2.01
C VAL D 212 -13.01 14.66 1.74
N LYS D 213 -12.15 13.68 1.45
CA LYS D 213 -10.78 13.95 1.04
C LYS D 213 -10.69 14.79 -0.23
N LYS D 214 -11.63 14.59 -1.15
CA LYS D 214 -11.57 15.32 -2.41
C LYS D 214 -12.02 16.78 -2.25
N VAL D 215 -13.11 17.01 -1.51
CA VAL D 215 -13.67 18.38 -1.47
C VAL D 215 -13.42 19.21 -0.20
N LEU D 216 -13.18 18.59 0.95
CA LEU D 216 -13.05 19.39 2.17
C LEU D 216 -11.69 20.09 2.27
N PRO D 217 -11.72 21.43 2.48
CA PRO D 217 -10.47 22.20 2.54
C PRO D 217 -9.75 22.10 3.88
N HIS D 218 -8.48 22.48 3.86
CA HIS D 218 -7.65 22.52 5.06
C HIS D 218 -8.21 23.56 6.05
N PRO D 219 -8.34 23.18 7.34
CA PRO D 219 -8.85 24.07 8.40
C PRO D 219 -8.11 25.40 8.52
N GLU D 220 -6.83 25.40 8.16
CA GLU D 220 -5.97 26.57 8.25
C GLU D 220 -6.51 27.71 7.37
N LYS D 221 -6.86 27.36 6.14
CA LYS D 221 -7.43 28.33 5.20
C LYS D 221 -8.77 28.85 5.68
N VAL D 222 -9.59 27.93 6.18
CA VAL D 222 -10.91 28.26 6.70
C VAL D 222 -10.78 29.23 7.86
N ALA D 223 -9.80 28.96 8.72
CA ALA D 223 -9.55 29.77 9.90
C ALA D 223 -9.08 31.18 9.53
N GLU D 224 -8.10 31.24 8.63
CA GLU D 224 -7.58 32.50 8.11
C GLU D 224 -8.74 33.32 7.51
N PHE D 225 -9.49 32.64 6.66
CA PHE D 225 -10.66 33.20 5.99
C PHE D 225 -11.69 33.72 7.00
N ALA D 226 -11.91 32.91 8.03
CA ALA D 226 -12.89 33.22 9.07
C ALA D 226 -12.46 34.44 9.88
N MET D 227 -11.16 34.54 10.16
CA MET D 227 -10.62 35.69 10.90
C MET D 227 -10.80 36.96 10.09
N GLN D 228 -10.47 36.87 8.80
CA GLN D 228 -10.71 37.97 7.87
C GLN D 228 -12.17 38.40 7.98
N MET D 229 -13.09 37.44 7.99
CA MET D 229 -14.50 37.79 8.17
C MET D 229 -14.85 38.32 9.57
N ARG D 230 -14.16 37.84 10.60
CA ARG D 230 -14.41 38.35 11.93
C ARG D 230 -14.03 39.82 12.10
N ARG D 231 -12.95 40.23 11.46
CA ARG D 231 -12.47 41.61 11.61
C ARG D 231 -13.50 42.67 11.21
N ARG D 232 -14.25 42.44 10.14
CA ARG D 232 -15.37 43.31 9.80
C ARG D 232 -16.55 43.15 10.78
N PHE D 233 -16.58 41.98 11.44
CA PHE D 233 -17.61 41.66 12.45
C PHE D 233 -18.95 41.47 11.77
#